data_8INR
#
_entry.id   8INR
#
_cell.length_a   1.00
_cell.length_b   1.00
_cell.length_c   1.00
_cell.angle_alpha   90.00
_cell.angle_beta   90.00
_cell.angle_gamma   90.00
#
_symmetry.space_group_name_H-M   'P 1'
#
loop_
_entity.id
_entity.type
_entity.pdbx_description
1 polymer 'HA signal peptide,Melanocortin receptor 5,LgBiT subunit'
2 polymer 'alpha-melanocyte-stimulating hormone'
3 polymer 'Guanine nucleotide-binding protein G(i) subunit alpha-1,Guanine nucleotide-binding protein G(s) subunit alpha isoforms short'
4 polymer 'Guanine nucleotide-binding protein G(I)/G(S)/G(T) subunit beta-1,HiBiT'
5 polymer 'Guanine nucleotide-binding protein G(I)/G(S)/G(O) subunit gamma-2'
6 non-polymer 'CALCIUM ION'
#
loop_
_entity_poly.entity_id
_entity_poly.type
_entity_poly.pdbx_seq_one_letter_code
_entity_poly.pdbx_strand_id
1 'polypeptide(L)'
;MKTIIALSYIFCLVFANSSFHLHFLDLNLNATEGNLSGPNVKNKSSPCEDMGIAVEVFLTLGVISLLENILVIGAIVKNK
NLHSPMYFFVCSLAVADMLVSMSSAWETITIYLLNNKHLVIADAFVRHIDNVFDSMICISVVASMCSLLAIAVDRYVTIF
YALRYHHIMTARRSGAIIAGIWAFCTGCGIVFILYSESTYVILCLISMFFAMLFLLVSLYIHMFLLARTHVKRIAALPGA
SSARQRTSMQGAVTVTMLLGVFTVCWAPFFLHLTLMLSCPQNLYCSRFMSHFNMYLILIMCNSVMDPLIYAFRSQEMRKT
FKEIICCRGFRIACSFPRRDGSSGGGGSGGGGSSGVFTLEDFVGDWEQTAAYNLDQVLEQGGVSSLLQNLAVSVTPIQRI
VRSGENALKIDIHVIIPYEGLSADQMAQIEEVFKVVYPVDDHHFKVILPYGTLVIDGVTPNMLNYFGRPYEGIAVFDGKK
ITVTGTLWNGNKIIDERLITPDGSMLFRVTINS
;
R
2 'polypeptide(L)' SYSMEHFRWGKPV L
3 'polypeptide(L)'
;MGCTLSAEDKAAVERSKMIEKQLQKDKQVYRATHRLLLLGADNSGKSTIVKQMRIYHVNGYSEEECKQYKAVVYSNTIQS
IIAIIRAMGRLKIDFGDSARADDARQLFVLAGAAEEGFMTAELAGVIKRLWKDSGVQACFNRSREYQLNDSAAYYLNDLD
RIAQPNYIPTQQDVLRTRVKTSGIFETKFQVDKVNFHMFDVGAQRDERRKWIQCFNDVTAIIFVVDSSDYNRLQEALNDF
KSIWNNRWLRTISVILFLNKQDLLAEKVLAGKSKIEDYFPEFARYTTPEDATPEPGEDPRVTRAKYFIRDEFLRISTASG
DGRHYCYPHFTCSVDTENARRIFNDCRDIIQRMHLRQYELL
;
A
4 'polypeptide(L)'
;MGSLLQSELDQLRQEAEQLKNQIRDARKACADATLSQITNNIDPVGRIQMRTRRTLRGHLAKIYAMHWGTDSRLLVSASQ
DGKLIIWDSYTTNKVHAIPLRSSWVMTCAYAPSGNYVACGGLDNICSIYNLKTREGNVRVSRELAGHTGYLSCCRFLDDN
QIVTSSGDTTCALWDIETGQQTTTFTGHTGDVMSLSLAPDTRLFVSGACDASAKLWDVREGMCRQTFTGHESDINAICFF
PNGNAFATGSDDATCRLFDLRADQELMTYSHDNIICGITSVSFSKSGRLLLAGYDDFNCNVWDALKADRAGVLAGHDNRV
SCLGVTDDGMAVATGSWDSFLKIWNGSSGGGGSGGGGSSGVSGWRLFKKIS
;
B
5 'polypeptide(L)' MASNNTASIAQARKLVEQLKMEANIDRIKVSKAAADLMAYCEAHAKEDPLLTPVPASENPFREKKFFCAIL G
#
loop_
_chem_comp.id
_chem_comp.type
_chem_comp.name
_chem_comp.formula
CA non-polymer 'CALCIUM ION' 'Ca 2'
#
# COMPACT_ATOMS: atom_id res chain seq x y z
N ILE A 53 -4.99 -38.22 33.08
CA ILE A 53 -5.16 -38.32 31.64
C ILE A 53 -3.87 -38.81 31.01
N ALA A 54 -3.99 -39.53 29.90
CA ALA A 54 -2.83 -40.13 29.27
C ALA A 54 -1.84 -39.05 28.83
N VAL A 55 -0.54 -39.37 28.94
CA VAL A 55 0.49 -38.44 28.55
C VAL A 55 0.42 -38.13 27.06
N GLU A 56 -0.12 -39.05 26.26
CA GLU A 56 -0.21 -38.83 24.83
C GLU A 56 -1.10 -37.65 24.52
N VAL A 57 -2.23 -37.53 25.22
CA VAL A 57 -3.19 -36.49 24.93
C VAL A 57 -2.60 -35.15 25.28
N PHE A 58 -1.54 -35.16 26.09
CA PHE A 58 -1.07 -33.92 26.68
C PHE A 58 0.19 -33.46 25.95
N LEU A 59 0.91 -34.40 25.33
CA LEU A 59 2.03 -34.07 24.44
C LEU A 59 1.58 -33.73 23.03
N THR A 60 0.50 -34.34 22.55
CA THR A 60 0.01 -34.00 21.22
C THR A 60 -0.30 -32.51 21.12
N LEU A 61 -1.04 -31.99 22.10
CA LEU A 61 -1.37 -30.57 22.09
C LEU A 61 -0.14 -29.71 22.16
N GLY A 62 0.89 -30.15 22.88
CA GLY A 62 2.11 -29.37 22.95
C GLY A 62 2.78 -29.24 21.60
N VAL A 63 2.87 -30.33 20.87
CA VAL A 63 3.50 -30.26 19.55
C VAL A 63 2.67 -29.40 18.61
N ILE A 64 1.35 -29.54 18.66
CA ILE A 64 0.51 -28.76 17.77
C ILE A 64 0.65 -27.26 18.05
N SER A 65 0.68 -26.88 19.32
CA SER A 65 0.87 -25.48 19.66
C SER A 65 2.25 -24.96 19.29
N LEU A 66 3.29 -25.77 19.49
CA LEU A 66 4.63 -25.39 19.04
C LEU A 66 4.62 -25.04 17.57
N LEU A 67 4.05 -25.92 16.76
CA LEU A 67 4.02 -25.66 15.32
C LEU A 67 3.27 -24.38 14.99
N GLU A 68 2.05 -24.24 15.51
CA GLU A 68 1.24 -23.08 15.15
C GLU A 68 1.92 -21.78 15.57
N ASN A 69 2.51 -21.76 16.76
CA ASN A 69 3.04 -20.52 17.27
C ASN A 69 4.37 -20.16 16.61
N ILE A 70 5.22 -21.14 16.30
CA ILE A 70 6.41 -20.82 15.51
C ILE A 70 5.99 -20.25 14.16
N LEU A 71 4.96 -20.82 13.55
CA LEU A 71 4.50 -20.32 12.28
C LEU A 71 4.03 -18.87 12.39
N VAL A 72 3.32 -18.54 13.47
CA VAL A 72 2.84 -17.17 13.64
C VAL A 72 4.00 -16.21 13.84
N ILE A 73 4.99 -16.60 14.66
CA ILE A 73 6.14 -15.74 14.89
C ILE A 73 6.87 -15.46 13.59
N GLY A 74 7.04 -16.50 12.77
CA GLY A 74 7.64 -16.27 11.47
C GLY A 74 6.82 -15.35 10.59
N ALA A 75 5.52 -15.56 10.54
CA ALA A 75 4.67 -14.76 9.67
C ALA A 75 4.68 -13.30 10.06
N ILE A 76 4.94 -13.00 11.33
CA ILE A 76 5.04 -11.60 11.72
C ILE A 76 6.43 -11.07 11.46
N VAL A 77 7.47 -11.86 11.75
CA VAL A 77 8.85 -11.40 11.52
C VAL A 77 9.12 -11.26 10.03
N LYS A 78 8.54 -12.13 9.21
CA LYS A 78 8.80 -12.14 7.77
C LYS A 78 7.71 -11.45 6.97
N ASN A 79 7.14 -10.38 7.50
CA ASN A 79 6.23 -9.54 6.73
C ASN A 79 6.18 -8.16 7.37
N LYS A 80 6.03 -7.15 6.54
CA LYS A 80 6.15 -5.77 6.97
C LYS A 80 4.83 -5.04 7.03
N ASN A 81 3.79 -5.54 6.37
CA ASN A 81 2.46 -5.03 6.64
C ASN A 81 1.97 -5.45 8.02
N LEU A 82 2.66 -6.40 8.65
CA LEU A 82 2.31 -6.92 9.96
C LEU A 82 3.30 -6.50 11.04
N HIS A 83 3.87 -5.31 10.91
CA HIS A 83 4.77 -4.77 11.92
C HIS A 83 4.11 -3.73 12.81
N SER A 84 2.80 -3.71 12.85
CA SER A 84 2.10 -2.82 13.74
C SER A 84 2.24 -3.29 15.19
N PRO A 85 2.00 -2.40 16.15
CA PRO A 85 2.01 -2.82 17.55
C PRO A 85 1.14 -4.02 17.88
N MET A 86 -0.02 -4.16 17.25
CA MET A 86 -0.90 -5.29 17.56
C MET A 86 -0.21 -6.61 17.30
N TYR A 87 0.47 -6.73 16.17
CA TYR A 87 1.05 -8.01 15.86
C TYR A 87 2.28 -8.31 16.69
N PHE A 88 2.90 -7.30 17.29
CA PHE A 88 3.90 -7.56 18.31
C PHE A 88 3.31 -8.27 19.51
N PHE A 89 2.12 -7.86 19.94
CA PHE A 89 1.48 -8.55 21.05
C PHE A 89 0.98 -9.92 20.65
N VAL A 90 0.58 -10.09 19.39
CA VAL A 90 0.25 -11.43 18.92
C VAL A 90 1.49 -12.32 18.96
N CYS A 91 2.66 -11.79 18.60
CA CYS A 91 3.90 -12.58 18.67
C CYS A 91 4.29 -12.88 20.11
N SER A 92 4.09 -11.93 21.01
CA SER A 92 4.31 -12.20 22.44
C SER A 92 3.41 -13.32 22.92
N LEU A 93 2.14 -13.29 22.50
CA LEU A 93 1.23 -14.37 22.84
C LEU A 93 1.72 -15.67 22.28
N ALA A 94 2.23 -15.66 21.06
CA ALA A 94 2.68 -16.91 20.45
C ALA A 94 3.85 -17.49 21.23
N VAL A 95 4.80 -16.66 21.64
CA VAL A 95 5.92 -17.13 22.43
C VAL A 95 5.44 -17.70 23.77
N ALA A 96 4.54 -16.99 24.45
CA ALA A 96 4.08 -17.44 25.75
C ALA A 96 3.35 -18.77 25.63
N ASP A 97 2.51 -18.90 24.61
CA ASP A 97 1.81 -20.15 24.37
C ASP A 97 2.78 -21.27 24.07
N MET A 98 3.80 -20.97 23.27
CA MET A 98 4.82 -21.96 22.95
C MET A 98 5.50 -22.47 24.20
N LEU A 99 5.85 -21.57 25.11
CA LEU A 99 6.50 -22.01 26.33
C LEU A 99 5.58 -22.82 27.21
N VAL A 100 4.30 -22.41 27.36
CA VAL A 100 3.39 -23.24 28.15
C VAL A 100 3.36 -24.65 27.58
N SER A 101 3.23 -24.76 26.27
CA SER A 101 3.10 -26.06 25.66
C SER A 101 4.35 -26.92 25.88
N MET A 102 5.52 -26.37 25.56
CA MET A 102 6.73 -27.17 25.64
C MET A 102 7.16 -27.45 27.08
N SER A 103 7.04 -26.47 27.97
CA SER A 103 7.38 -26.69 29.37
C SER A 103 6.49 -27.76 29.99
N SER A 104 5.18 -27.71 29.72
CA SER A 104 4.32 -28.76 30.24
C SER A 104 4.59 -30.11 29.59
N ALA A 105 4.92 -30.12 28.29
CA ALA A 105 5.25 -31.38 27.64
C ALA A 105 6.48 -32.03 28.28
N TRP A 106 7.51 -31.24 28.54
CA TRP A 106 8.72 -31.81 29.13
C TRP A 106 8.51 -32.19 30.58
N GLU A 107 7.62 -31.56 31.32
CA GLU A 107 7.37 -32.02 32.68
C GLU A 107 6.76 -33.35 32.51
N THR A 108 5.80 -33.42 31.64
CA THR A 108 5.11 -34.69 31.55
C THR A 108 6.06 -35.81 31.22
N ILE A 109 7.02 -35.57 30.33
CA ILE A 109 8.01 -36.60 30.03
C ILE A 109 8.82 -36.97 31.27
N THR A 110 9.29 -35.95 31.99
CA THR A 110 10.12 -36.25 33.15
C THR A 110 9.32 -36.92 34.25
N ILE A 111 8.06 -36.54 34.45
CA ILE A 111 7.25 -37.25 35.44
C ILE A 111 7.03 -38.68 35.00
N TYR A 112 6.73 -38.88 33.72
CA TYR A 112 6.58 -40.22 33.18
C TYR A 112 7.81 -41.08 33.43
N LEU A 113 8.99 -40.47 33.49
CA LEU A 113 10.19 -41.26 33.78
C LEU A 113 10.46 -41.46 35.26
N LEU A 114 10.43 -40.39 36.07
CA LEU A 114 10.75 -40.53 37.50
C LEU A 114 9.79 -41.46 38.23
N ASN A 115 8.48 -41.30 38.01
CA ASN A 115 7.54 -42.20 38.70
C ASN A 115 7.68 -43.62 38.22
N ASN A 116 8.07 -43.80 36.97
CA ASN A 116 8.46 -45.12 36.52
C ASN A 116 9.92 -45.34 36.94
N LYS A 117 10.51 -46.46 36.59
CA LYS A 117 11.82 -46.79 37.11
C LYS A 117 12.88 -46.71 36.03
N HIS A 118 12.75 -45.74 35.13
CA HIS A 118 13.73 -45.59 34.06
C HIS A 118 14.83 -44.61 34.39
N LEU A 119 14.60 -43.66 35.27
CA LEU A 119 15.57 -42.60 35.52
C LEU A 119 15.33 -42.00 36.90
N VAL A 120 16.24 -42.26 37.83
CA VAL A 120 15.99 -41.90 39.22
C VAL A 120 17.17 -41.10 39.77
N ILE A 121 16.90 -39.87 40.16
CA ILE A 121 17.90 -39.07 40.84
C ILE A 121 17.34 -38.81 42.23
N ALA A 122 18.19 -38.46 43.18
CA ALA A 122 17.77 -38.39 44.57
C ALA A 122 16.70 -37.33 44.78
N ASP A 123 16.32 -37.17 46.04
CA ASP A 123 15.20 -36.30 46.40
C ASP A 123 15.48 -34.83 46.07
N ALA A 124 16.66 -34.34 46.44
CA ALA A 124 16.97 -32.95 46.21
C ALA A 124 16.91 -32.56 44.75
N PHE A 125 17.45 -33.39 43.86
CA PHE A 125 17.42 -33.04 42.44
C PHE A 125 16.07 -33.26 41.79
N VAL A 126 15.26 -34.21 42.26
CA VAL A 126 13.89 -34.32 41.77
C VAL A 126 13.14 -33.04 42.10
N ARG A 127 13.25 -32.60 43.35
CA ARG A 127 12.63 -31.34 43.73
C ARG A 127 13.16 -30.19 42.89
N HIS A 128 14.45 -30.20 42.62
CA HIS A 128 15.05 -29.07 41.91
C HIS A 128 14.64 -29.01 40.46
N ILE A 129 14.40 -30.18 39.86
CA ILE A 129 13.91 -30.21 38.50
C ILE A 129 12.47 -29.75 38.51
N ASP A 130 11.66 -30.41 39.34
CA ASP A 130 10.24 -30.05 39.44
C ASP A 130 10.05 -28.55 39.48
N ASN A 131 10.71 -27.90 40.44
CA ASN A 131 10.56 -26.46 40.57
C ASN A 131 10.79 -25.73 39.27
N VAL A 132 11.99 -25.87 38.70
CA VAL A 132 12.30 -25.19 37.45
C VAL A 132 11.14 -25.30 36.48
N PHE A 133 10.59 -26.51 36.36
CA PHE A 133 9.47 -26.72 35.46
C PHE A 133 8.29 -25.82 35.82
N ASP A 134 7.68 -26.08 36.96
CA ASP A 134 6.54 -25.30 37.39
C ASP A 134 6.83 -23.82 37.18
N SER A 135 8.04 -23.39 37.54
CA SER A 135 8.42 -22.01 37.34
C SER A 135 8.13 -21.56 35.91
N MET A 136 8.81 -22.17 34.95
CA MET A 136 8.57 -21.81 33.55
C MET A 136 7.09 -21.82 33.21
N ILE A 137 6.35 -22.82 33.68
CA ILE A 137 4.93 -22.89 33.36
C ILE A 137 4.21 -21.66 33.89
N CYS A 138 4.52 -21.25 35.11
CA CYS A 138 3.83 -20.11 35.68
C CYS A 138 4.16 -18.82 34.94
N ILE A 139 5.44 -18.59 34.64
CA ILE A 139 5.82 -17.40 33.90
C ILE A 139 5.05 -17.34 32.59
N SER A 140 4.98 -18.47 31.89
CA SER A 140 4.37 -18.46 30.57
C SER A 140 2.85 -18.33 30.63
N VAL A 141 2.21 -18.86 31.67
CA VAL A 141 0.78 -18.62 31.87
C VAL A 141 0.50 -17.15 32.08
N VAL A 142 1.26 -16.49 32.96
CA VAL A 142 0.98 -15.09 33.20
C VAL A 142 1.27 -14.27 31.95
N ALA A 143 2.32 -14.62 31.21
CA ALA A 143 2.63 -13.92 29.97
C ALA A 143 1.54 -14.12 28.93
N SER A 144 0.96 -15.32 28.85
CA SER A 144 -0.12 -15.57 27.90
C SER A 144 -1.34 -14.71 28.20
N MET A 145 -1.73 -14.64 29.45
CA MET A 145 -2.87 -13.80 29.80
C MET A 145 -2.58 -12.33 29.52
N CYS A 146 -1.39 -11.87 29.91
CA CYS A 146 -1.04 -10.47 29.69
C CYS A 146 -0.95 -10.11 28.21
N SER A 147 -0.54 -11.05 27.37
CA SER A 147 -0.51 -10.82 25.93
C SER A 147 -1.88 -10.93 25.27
N LEU A 148 -2.86 -11.58 25.89
CA LEU A 148 -4.24 -11.44 25.42
C LEU A 148 -4.80 -10.07 25.74
N LEU A 149 -4.65 -9.61 26.98
CA LEU A 149 -5.12 -8.27 27.27
C LEU A 149 -4.34 -7.18 26.56
N ALA A 150 -3.11 -7.43 26.14
CA ALA A 150 -2.42 -6.46 25.31
C ALA A 150 -3.11 -6.28 23.97
N ILE A 151 -3.49 -7.38 23.31
CA ILE A 151 -4.21 -7.29 22.05
C ILE A 151 -5.54 -6.59 22.24
N ALA A 152 -6.24 -6.92 23.33
CA ALA A 152 -7.52 -6.30 23.58
C ALA A 152 -7.38 -4.80 23.77
N VAL A 153 -6.40 -4.36 24.56
CA VAL A 153 -6.23 -2.93 24.80
C VAL A 153 -5.80 -2.23 23.53
N ASP A 154 -4.97 -2.87 22.72
CA ASP A 154 -4.56 -2.29 21.45
C ASP A 154 -5.75 -2.11 20.51
N ARG A 155 -6.59 -3.13 20.38
CA ARG A 155 -7.78 -3.00 19.54
C ARG A 155 -8.68 -1.90 20.05
N TYR A 156 -8.85 -1.82 21.36
CA TYR A 156 -9.71 -0.83 21.95
C TYR A 156 -9.20 0.58 21.66
N VAL A 157 -7.89 0.78 21.72
CA VAL A 157 -7.34 2.10 21.45
C VAL A 157 -7.44 2.43 19.96
N THR A 158 -7.21 1.44 19.09
CA THR A 158 -7.34 1.71 17.66
C THR A 158 -8.76 2.10 17.28
N ILE A 159 -9.75 1.53 17.96
CA ILE A 159 -11.14 1.85 17.66
C ILE A 159 -11.55 3.14 18.34
N PHE A 160 -11.47 3.20 19.65
CA PHE A 160 -12.07 4.30 20.38
C PHE A 160 -11.19 5.52 20.47
N TYR A 161 -9.92 5.41 20.12
CA TYR A 161 -8.99 6.53 20.00
C TYR A 161 -8.42 6.54 18.62
N ALA A 162 -9.33 6.50 17.63
CA ALA A 162 -8.97 6.17 16.25
C ALA A 162 -8.11 7.23 15.62
N LEU A 163 -8.42 8.50 15.85
CA LEU A 163 -7.74 9.57 15.16
C LEU A 163 -6.45 10.01 15.82
N ARG A 164 -6.19 9.56 17.05
CA ARG A 164 -4.97 9.93 17.76
C ARG A 164 -4.02 8.76 17.94
N TYR A 165 -4.28 7.64 17.27
CA TYR A 165 -3.69 6.39 17.71
C TYR A 165 -2.19 6.40 17.59
N HIS A 166 -1.65 7.03 16.54
CA HIS A 166 -0.21 7.04 16.34
C HIS A 166 0.50 8.11 17.14
N HIS A 167 -0.23 8.92 17.88
CA HIS A 167 0.31 9.70 18.96
C HIS A 167 0.29 8.94 20.28
N ILE A 168 -0.27 7.74 20.30
CA ILE A 168 -0.35 6.94 21.51
C ILE A 168 0.62 5.78 21.39
N MET A 169 0.50 4.98 20.34
CA MET A 169 1.30 3.78 20.24
C MET A 169 2.14 3.79 18.97
N THR A 170 3.43 3.52 19.14
CA THR A 170 4.40 3.32 18.08
C THR A 170 4.95 1.90 18.18
N ALA A 171 5.90 1.57 17.32
CA ALA A 171 6.50 0.25 17.38
C ALA A 171 7.43 0.11 18.58
N ARG A 172 8.10 1.20 18.98
CA ARG A 172 9.02 1.14 20.10
C ARG A 172 8.31 0.96 21.43
N ARG A 173 7.19 1.65 21.62
CA ARG A 173 6.42 1.47 22.83
C ARG A 173 5.90 0.04 22.96
N SER A 174 5.64 -0.61 21.83
CA SER A 174 5.28 -2.01 21.86
C SER A 174 6.38 -2.86 22.48
N GLY A 175 7.62 -2.64 22.06
CA GLY A 175 8.73 -3.38 22.62
C GLY A 175 8.94 -3.08 24.10
N ALA A 176 8.77 -1.83 24.48
CA ALA A 176 8.87 -1.48 25.89
C ALA A 176 7.84 -2.22 26.72
N ILE A 177 6.58 -2.24 26.27
CA ILE A 177 5.52 -2.90 27.03
C ILE A 177 5.74 -4.40 27.05
N ILE A 178 6.21 -4.98 25.95
CA ILE A 178 6.48 -6.42 25.92
C ILE A 178 7.58 -6.79 26.92
N ALA A 179 8.68 -6.04 26.90
CA ALA A 179 9.77 -6.33 27.81
C ALA A 179 9.33 -6.16 29.26
N GLY A 180 8.55 -5.14 29.55
CA GLY A 180 8.02 -4.98 30.89
C GLY A 180 7.14 -6.14 31.29
N ILE A 181 6.27 -6.59 30.39
CA ILE A 181 5.41 -7.75 30.67
C ILE A 181 6.26 -8.94 31.04
N TRP A 182 7.31 -9.21 30.27
CA TRP A 182 8.05 -10.44 30.51
C TRP A 182 8.95 -10.37 31.73
N ALA A 183 9.53 -9.23 32.04
CA ALA A 183 10.24 -9.11 33.31
C ALA A 183 9.29 -9.29 34.48
N PHE A 184 8.13 -8.62 34.44
CA PHE A 184 7.17 -8.74 35.54
C PHE A 184 6.66 -10.17 35.68
N CYS A 185 6.39 -10.84 34.56
CA CYS A 185 5.94 -12.21 34.60
C CYS A 185 7.01 -13.14 35.14
N THR A 186 8.29 -12.90 34.80
CA THR A 186 9.34 -13.73 35.35
C THR A 186 9.42 -13.59 36.86
N GLY A 187 9.34 -12.36 37.34
CA GLY A 187 9.34 -12.16 38.78
C GLY A 187 8.17 -12.83 39.46
N CYS A 188 6.97 -12.66 38.90
CA CYS A 188 5.79 -13.28 39.48
C CYS A 188 5.90 -14.80 39.47
N GLY A 189 6.38 -15.37 38.39
CA GLY A 189 6.49 -16.82 38.33
C GLY A 189 7.43 -17.37 39.39
N ILE A 190 8.61 -16.76 39.53
CA ILE A 190 9.56 -17.30 40.49
C ILE A 190 9.05 -17.13 41.90
N VAL A 191 8.46 -15.98 42.20
CA VAL A 191 7.90 -15.80 43.54
C VAL A 191 6.79 -16.80 43.80
N PHE A 192 5.97 -17.08 42.79
CA PHE A 192 4.79 -17.92 42.98
C PHE A 192 5.17 -19.38 43.16
N ILE A 193 6.24 -19.81 42.52
CA ILE A 193 6.63 -21.21 42.64
C ILE A 193 7.52 -21.46 43.87
N LEU A 194 8.30 -20.48 44.30
CA LEU A 194 9.08 -20.70 45.52
C LEU A 194 8.23 -20.57 46.77
N TYR A 195 7.10 -19.88 46.69
CA TYR A 195 6.26 -19.65 47.85
C TYR A 195 4.90 -20.35 47.72
N SER A 196 4.85 -21.50 47.05
CA SER A 196 3.57 -22.07 46.67
C SER A 196 2.77 -22.55 47.86
N GLU A 197 3.44 -22.95 48.93
CA GLU A 197 2.71 -23.57 50.02
C GLU A 197 1.84 -22.60 50.78
N SER A 198 1.83 -21.32 50.44
CA SER A 198 1.00 -20.38 51.18
C SER A 198 -0.32 -20.14 50.47
N THR A 199 -1.29 -19.66 51.25
CA THR A 199 -2.52 -19.16 50.67
C THR A 199 -2.29 -17.91 49.85
N TYR A 200 -1.25 -17.14 50.21
CA TYR A 200 -1.09 -15.81 49.63
C TYR A 200 -0.81 -15.87 48.14
N VAL A 201 0.03 -16.80 47.70
CA VAL A 201 0.30 -16.94 46.28
C VAL A 201 -0.95 -17.33 45.51
N ILE A 202 -1.75 -18.25 46.06
CA ILE A 202 -2.88 -18.74 45.28
C ILE A 202 -3.93 -17.66 45.15
N LEU A 203 -4.13 -16.88 46.21
CA LEU A 203 -5.04 -15.75 46.07
C LEU A 203 -4.54 -14.77 45.02
N CYS A 204 -3.23 -14.57 44.91
CA CYS A 204 -2.71 -13.64 43.90
C CYS A 204 -3.01 -14.14 42.50
N LEU A 205 -2.79 -15.43 42.24
CA LEU A 205 -3.11 -15.96 40.93
C LEU A 205 -4.60 -15.84 40.62
N ILE A 206 -5.45 -16.15 41.60
CA ILE A 206 -6.89 -16.08 41.38
C ILE A 206 -7.32 -14.66 41.07
N SER A 207 -6.81 -13.70 41.84
CA SER A 207 -7.16 -12.32 41.62
C SER A 207 -6.71 -11.88 40.24
N MET A 208 -5.55 -12.34 39.80
CA MET A 208 -5.10 -11.96 38.47
C MET A 208 -6.03 -12.50 37.40
N PHE A 209 -6.49 -13.74 37.54
CA PHE A 209 -7.39 -14.27 36.51
C PHE A 209 -8.70 -13.51 36.47
N PHE A 210 -9.30 -13.25 37.64
CA PHE A 210 -10.59 -12.57 37.61
C PHE A 210 -10.46 -11.13 37.14
N ALA A 211 -9.40 -10.45 37.57
CA ALA A 211 -9.16 -9.10 37.11
C ALA A 211 -8.94 -9.05 35.62
N MET A 212 -8.32 -10.07 35.06
CA MET A 212 -7.97 -10.04 33.65
C MET A 212 -9.03 -10.68 32.77
N LEU A 213 -10.07 -11.27 33.37
CA LEU A 213 -11.25 -11.69 32.64
C LEU A 213 -12.31 -10.60 32.61
N PHE A 214 -12.53 -9.95 33.74
CA PHE A 214 -13.44 -8.82 33.76
C PHE A 214 -13.06 -7.80 32.72
N LEU A 215 -11.78 -7.47 32.64
CA LEU A 215 -11.35 -6.42 31.75
C LEU A 215 -11.45 -6.83 30.29
N LEU A 216 -11.22 -8.09 29.98
CA LEU A 216 -11.33 -8.54 28.60
C LEU A 216 -12.78 -8.54 28.13
N VAL A 217 -13.69 -9.04 28.98
CA VAL A 217 -15.11 -8.97 28.66
C VAL A 217 -15.55 -7.53 28.44
N SER A 218 -15.11 -6.64 29.33
CA SER A 218 -15.53 -5.25 29.22
C SER A 218 -14.94 -4.60 27.99
N LEU A 219 -13.73 -4.98 27.59
CA LEU A 219 -13.10 -4.40 26.44
C LEU A 219 -13.71 -4.87 25.14
N TYR A 220 -14.35 -6.04 25.11
CA TYR A 220 -14.93 -6.50 23.86
C TYR A 220 -16.42 -6.25 23.70
N ILE A 221 -17.18 -6.23 24.80
CA ILE A 221 -18.60 -5.88 24.69
C ILE A 221 -18.76 -4.45 24.20
N HIS A 222 -17.92 -3.53 24.64
CA HIS A 222 -17.98 -2.16 24.16
C HIS A 222 -17.74 -2.09 22.65
N MET A 223 -16.73 -2.80 22.16
CA MET A 223 -16.46 -2.82 20.74
C MET A 223 -17.66 -3.33 19.95
N PHE A 224 -18.27 -4.42 20.41
CA PHE A 224 -19.42 -4.97 19.70
C PHE A 224 -20.62 -4.03 19.75
N LEU A 225 -20.82 -3.36 20.87
CA LEU A 225 -21.95 -2.44 21.00
C LEU A 225 -21.78 -1.23 20.09
N LEU A 226 -20.53 -0.82 19.81
CA LEU A 226 -20.33 0.22 18.81
C LEU A 226 -20.53 -0.30 17.39
N ALA A 227 -20.02 -1.50 17.11
CA ALA A 227 -20.25 -2.08 15.80
C ALA A 227 -21.73 -2.23 15.49
N ARG A 228 -22.56 -2.43 16.51
CA ARG A 228 -24.00 -2.45 16.24
C ARG A 228 -24.55 -1.08 15.85
N THR A 229 -24.04 0.00 16.42
CA THR A 229 -24.48 1.31 15.94
C THR A 229 -24.13 1.47 14.48
N HIS A 230 -22.92 1.07 14.10
CA HIS A 230 -22.55 1.24 12.71
C HIS A 230 -23.37 0.36 11.78
N VAL A 231 -23.68 -0.87 12.20
CA VAL A 231 -24.48 -1.76 11.37
C VAL A 231 -25.91 -1.26 11.25
N LYS A 232 -26.45 -0.67 12.30
CA LYS A 232 -27.76 -0.05 12.20
C LYS A 232 -27.74 1.13 11.26
N ARG A 233 -26.66 1.92 11.26
CA ARG A 233 -26.60 3.06 10.36
C ARG A 233 -26.43 2.62 8.91
N ILE A 234 -25.68 1.55 8.66
CA ILE A 234 -25.61 1.01 7.30
C ILE A 234 -26.96 0.49 6.86
N ALA A 235 -27.70 -0.16 7.76
CA ALA A 235 -29.00 -0.73 7.39
C ALA A 235 -29.96 0.35 6.93
N ALA A 236 -29.96 1.49 7.61
CA ALA A 236 -30.87 2.55 7.24
C ALA A 236 -30.58 3.12 5.86
N LEU A 237 -29.42 2.81 5.30
CA LEU A 237 -29.04 3.40 4.02
C LEU A 237 -30.00 2.93 2.94
N PRO A 238 -30.32 3.77 1.97
CA PRO A 238 -31.24 3.37 0.91
C PRO A 238 -30.59 2.47 -0.11
N GLY A 239 -31.41 1.61 -0.69
CA GLY A 239 -30.93 0.66 -1.67
C GLY A 239 -29.85 -0.26 -1.12
N ALA A 240 -29.97 -0.65 0.14
CA ALA A 240 -28.93 -1.44 0.79
C ALA A 240 -28.87 -2.85 0.22
N SER A 241 -28.36 -2.96 -1.00
CA SER A 241 -28.24 -4.25 -1.66
C SER A 241 -27.09 -5.05 -1.08
N ARG A 246 -23.27 -6.28 6.28
CA ARG A 246 -24.18 -5.83 7.33
C ARG A 246 -24.76 -7.03 8.08
N THR A 247 -24.06 -7.48 9.11
CA THR A 247 -24.52 -8.57 9.98
C THR A 247 -23.99 -8.33 11.38
N SER A 248 -24.89 -8.13 12.35
CA SER A 248 -24.45 -8.24 13.74
C SER A 248 -24.12 -9.67 14.13
N MET A 249 -24.51 -10.64 13.30
CA MET A 249 -24.17 -12.03 13.57
C MET A 249 -22.67 -12.22 13.55
N GLN A 250 -21.97 -11.52 12.65
CA GLN A 250 -20.52 -11.63 12.59
C GLN A 250 -19.89 -11.14 13.88
N GLY A 251 -20.33 -9.99 14.38
CA GLY A 251 -19.83 -9.49 15.63
C GLY A 251 -20.13 -10.39 16.79
N ALA A 252 -21.34 -10.96 16.83
CA ALA A 252 -21.67 -11.88 17.91
C ALA A 252 -20.80 -13.11 17.88
N VAL A 253 -20.57 -13.65 16.70
CA VAL A 253 -19.73 -14.83 16.57
C VAL A 253 -18.32 -14.54 17.04
N THR A 254 -17.75 -13.39 16.68
CA THR A 254 -16.39 -13.09 17.09
C THR A 254 -16.28 -12.84 18.58
N VAL A 255 -17.22 -12.08 19.16
CA VAL A 255 -17.20 -11.85 20.60
C VAL A 255 -17.26 -13.17 21.35
N THR A 256 -18.14 -14.08 20.91
CA THR A 256 -18.20 -15.39 21.54
C THR A 256 -16.91 -16.17 21.34
N MET A 257 -16.42 -16.28 20.13
CA MET A 257 -15.25 -17.11 19.89
C MET A 257 -13.99 -16.55 20.53
N LEU A 258 -14.02 -15.32 21.02
CA LEU A 258 -12.90 -14.83 21.82
C LEU A 258 -13.13 -15.07 23.32
N LEU A 259 -14.19 -14.49 23.87
CA LEU A 259 -14.41 -14.58 25.31
C LEU A 259 -14.66 -16.00 25.76
N GLY A 260 -15.47 -16.75 25.03
CA GLY A 260 -15.80 -18.09 25.45
C GLY A 260 -14.62 -19.03 25.44
N VAL A 261 -13.75 -18.91 24.43
CA VAL A 261 -12.53 -19.70 24.43
C VAL A 261 -11.66 -19.34 25.62
N PHE A 262 -11.45 -18.04 25.87
CA PHE A 262 -10.69 -17.64 27.04
C PHE A 262 -11.26 -18.24 28.31
N THR A 263 -12.57 -18.11 28.51
CA THR A 263 -13.20 -18.57 29.74
C THR A 263 -13.17 -20.08 29.87
N VAL A 264 -13.57 -20.80 28.84
CA VAL A 264 -13.62 -22.25 28.93
C VAL A 264 -12.23 -22.82 29.17
N CYS A 265 -11.21 -22.25 28.55
CA CYS A 265 -9.87 -22.80 28.66
C CYS A 265 -9.09 -22.31 29.87
N TRP A 266 -9.49 -21.24 30.52
CA TRP A 266 -8.74 -20.74 31.66
C TRP A 266 -9.48 -20.80 32.98
N ALA A 267 -10.81 -20.85 32.98
CA ALA A 267 -11.56 -20.76 34.22
C ALA A 267 -11.56 -22.03 35.05
N PRO A 268 -11.55 -23.25 34.49
CA PRO A 268 -11.51 -24.42 35.37
C PRO A 268 -10.30 -24.48 36.30
N PHE A 269 -9.12 -24.12 35.81
CA PHE A 269 -7.94 -24.18 36.67
C PHE A 269 -8.07 -23.20 37.82
N PHE A 270 -8.57 -22.01 37.56
CA PHE A 270 -8.67 -21.07 38.65
C PHE A 270 -9.85 -21.36 39.57
N LEU A 271 -10.88 -22.04 39.10
CA LEU A 271 -11.89 -22.55 40.01
C LEU A 271 -11.31 -23.64 40.89
N HIS A 272 -10.43 -24.48 40.34
CA HIS A 272 -9.73 -25.46 41.15
C HIS A 272 -9.00 -24.79 42.28
N LEU A 273 -8.28 -23.72 41.98
CA LEU A 273 -7.57 -23.02 43.04
C LEU A 273 -8.53 -22.41 44.05
N THR A 274 -9.60 -21.75 43.58
CA THR A 274 -10.48 -21.05 44.51
C THR A 274 -11.37 -22.00 45.29
N LEU A 275 -11.38 -23.29 44.95
CA LEU A 275 -11.97 -24.30 45.82
C LEU A 275 -10.95 -25.03 46.67
N MET A 276 -9.70 -25.07 46.24
CA MET A 276 -8.64 -25.55 47.14
C MET A 276 -8.56 -24.66 48.37
N LEU A 277 -8.63 -23.35 48.17
CA LEU A 277 -8.69 -22.46 49.33
C LEU A 277 -10.00 -22.60 50.09
N SER A 278 -11.12 -22.51 49.39
CA SER A 278 -12.39 -22.30 50.09
C SER A 278 -12.86 -23.55 50.80
N CYS A 279 -13.13 -24.62 50.07
CA CYS A 279 -13.83 -25.79 50.60
C CYS A 279 -13.04 -27.05 50.28
N PRO A 280 -11.91 -27.27 50.95
CA PRO A 280 -11.03 -28.36 50.52
C PRO A 280 -11.53 -29.76 50.81
N GLN A 281 -12.43 -29.96 51.77
CA GLN A 281 -12.78 -31.31 52.21
C GLN A 281 -14.29 -31.49 52.20
N ASN A 282 -14.93 -31.08 51.12
CA ASN A 282 -16.36 -31.31 50.89
C ASN A 282 -16.51 -32.07 49.59
N LEU A 283 -17.54 -32.92 49.54
CA LEU A 283 -17.60 -33.90 48.47
C LEU A 283 -17.66 -33.23 47.10
N TYR A 284 -18.46 -32.18 46.97
CA TYR A 284 -18.59 -31.50 45.69
C TYR A 284 -17.28 -30.84 45.29
N CYS A 285 -16.68 -30.08 46.21
CA CYS A 285 -15.42 -29.41 45.89
C CYS A 285 -14.30 -30.41 45.68
N SER A 286 -14.29 -31.52 46.42
CA SER A 286 -13.22 -32.48 46.23
C SER A 286 -13.34 -33.17 44.90
N ARG A 287 -14.56 -33.54 44.52
CA ARG A 287 -14.78 -34.09 43.20
C ARG A 287 -14.39 -33.10 42.11
N PHE A 288 -14.57 -31.80 42.36
CA PHE A 288 -14.09 -30.84 41.37
C PHE A 288 -12.58 -30.81 41.31
N MET A 289 -11.91 -30.70 42.47
CA MET A 289 -10.45 -30.61 42.45
C MET A 289 -9.82 -31.85 41.85
N SER A 290 -10.51 -32.98 41.90
CA SER A 290 -9.81 -34.17 41.47
C SER A 290 -9.63 -34.25 39.96
N HIS A 291 -9.88 -33.17 39.23
CA HIS A 291 -9.72 -33.13 37.79
C HIS A 291 -8.66 -32.12 37.34
N PHE A 292 -7.54 -32.12 38.07
CA PHE A 292 -6.48 -31.17 37.78
C PHE A 292 -5.93 -31.38 36.38
N ASN A 293 -5.83 -32.62 35.94
CA ASN A 293 -5.31 -32.88 34.62
C ASN A 293 -6.26 -32.41 33.54
N MET A 294 -7.56 -32.61 33.75
CA MET A 294 -8.52 -32.12 32.78
C MET A 294 -8.58 -30.61 32.75
N TYR A 295 -8.03 -29.93 33.73
CA TYR A 295 -7.95 -28.49 33.64
C TYR A 295 -6.65 -28.01 33.00
N LEU A 296 -5.54 -28.68 33.27
CA LEU A 296 -4.31 -28.36 32.54
C LEU A 296 -4.46 -28.62 31.05
N ILE A 297 -5.22 -29.64 30.67
CA ILE A 297 -5.43 -29.91 29.25
C ILE A 297 -6.13 -28.73 28.60
N LEU A 298 -7.11 -28.16 29.29
CA LEU A 298 -7.77 -26.98 28.74
C LEU A 298 -6.80 -25.80 28.64
N ILE A 299 -5.92 -25.65 29.63
CA ILE A 299 -4.93 -24.57 29.54
C ILE A 299 -4.12 -24.71 28.26
N MET A 300 -3.73 -25.92 27.90
CA MET A 300 -2.97 -26.08 26.67
C MET A 300 -3.85 -25.98 25.42
N CYS A 301 -5.11 -26.36 25.52
CA CYS A 301 -6.03 -26.15 24.41
C CYS A 301 -6.15 -24.67 24.08
N ASN A 302 -6.03 -23.81 25.09
CA ASN A 302 -5.96 -22.37 24.82
C ASN A 302 -4.79 -22.01 23.94
N SER A 303 -3.63 -22.59 24.22
CA SER A 303 -2.46 -22.36 23.37
C SER A 303 -2.71 -22.83 21.95
N VAL A 304 -3.38 -23.97 21.80
CA VAL A 304 -3.67 -24.47 20.46
C VAL A 304 -4.61 -23.53 19.73
N MET A 305 -5.55 -22.92 20.44
CA MET A 305 -6.66 -22.25 19.77
C MET A 305 -6.52 -20.73 19.70
N ASP A 306 -5.56 -20.14 20.40
CA ASP A 306 -5.32 -18.69 20.24
C ASP A 306 -4.84 -18.30 18.86
N PRO A 307 -3.87 -18.99 18.24
CA PRO A 307 -3.49 -18.64 16.87
C PRO A 307 -4.65 -18.69 15.89
N LEU A 308 -5.60 -19.60 16.06
CA LEU A 308 -6.74 -19.64 15.17
C LEU A 308 -7.54 -18.35 15.24
N ILE A 309 -7.75 -17.84 16.45
CA ILE A 309 -8.70 -16.75 16.61
C ILE A 309 -8.05 -15.38 16.57
N TYR A 310 -6.72 -15.28 16.52
CA TYR A 310 -6.10 -13.97 16.35
C TYR A 310 -5.28 -13.86 15.08
N ALA A 311 -4.35 -14.77 14.84
CA ALA A 311 -3.51 -14.67 13.65
C ALA A 311 -4.25 -15.11 12.39
N PHE A 312 -5.01 -16.19 12.46
CA PHE A 312 -5.61 -16.76 11.26
C PHE A 312 -6.76 -15.92 10.73
N ARG A 313 -7.16 -14.89 11.45
CA ARG A 313 -8.26 -14.05 11.00
C ARG A 313 -7.81 -12.84 10.20
N SER A 314 -6.51 -12.63 10.05
CA SER A 314 -6.01 -11.51 9.27
C SER A 314 -5.81 -11.94 7.83
N GLN A 315 -6.33 -11.16 6.89
CA GLN A 315 -6.14 -11.47 5.48
C GLN A 315 -4.68 -11.40 5.11
N GLU A 316 -3.96 -10.39 5.60
CA GLU A 316 -2.54 -10.27 5.31
C GLU A 316 -1.76 -11.44 5.88
N MET A 317 -2.10 -11.87 7.10
CA MET A 317 -1.41 -13.04 7.63
C MET A 317 -1.83 -14.31 6.93
N ARG A 318 -3.05 -14.38 6.41
CA ARG A 318 -3.40 -15.58 5.66
C ARG A 318 -2.71 -15.61 4.32
N LYS A 319 -2.32 -14.44 3.78
CA LYS A 319 -1.48 -14.41 2.60
C LYS A 319 -0.05 -14.82 2.92
N THR A 320 0.49 -14.29 4.02
CA THR A 320 1.82 -14.72 4.45
C THR A 320 1.84 -16.22 4.73
N PHE A 321 0.72 -16.79 5.16
CA PHE A 321 0.67 -18.22 5.40
C PHE A 321 0.91 -18.98 4.11
N LYS A 322 0.24 -18.57 3.02
CA LYS A 322 0.46 -19.22 1.73
C LYS A 322 1.90 -19.02 1.27
N GLU A 323 2.44 -17.82 1.44
CA GLU A 323 3.81 -17.58 1.01
C GLU A 323 4.80 -18.45 1.78
N ILE A 324 4.58 -18.61 3.09
CA ILE A 324 5.49 -19.41 3.90
C ILE A 324 5.36 -20.89 3.54
N ILE A 325 4.14 -21.38 3.41
CA ILE A 325 3.95 -22.81 3.14
C ILE A 325 4.49 -23.20 1.77
N CYS A 326 4.61 -22.24 0.85
CA CYS A 326 5.21 -22.50 -0.47
C CYS A 326 6.70 -22.17 -0.46
N CYS A 327 7.42 -22.75 0.49
CA CYS A 327 8.86 -22.54 0.60
C CYS A 327 9.56 -23.81 1.07
N SER B 1 9.48 -39.70 50.24
CA SER B 1 10.16 -39.03 49.14
C SER B 1 9.43 -37.77 48.72
N TYR B 2 9.63 -37.37 47.47
CA TYR B 2 8.98 -36.20 46.89
C TYR B 2 8.47 -36.65 45.53
N SER B 3 7.26 -37.16 45.49
CA SER B 3 6.67 -37.52 44.22
C SER B 3 6.42 -36.27 43.40
N MET B 4 6.78 -36.30 42.15
CA MET B 4 6.64 -35.10 41.39
C MET B 4 5.25 -35.16 40.82
N GLU B 5 4.68 -34.02 40.43
CA GLU B 5 3.38 -34.03 39.80
C GLU B 5 3.10 -32.81 38.95
N HIS B 6 2.14 -32.93 38.03
CA HIS B 6 1.86 -31.86 37.06
C HIS B 6 1.89 -30.45 37.59
N PHE B 7 2.79 -29.64 37.03
CA PHE B 7 2.88 -28.25 37.44
C PHE B 7 2.76 -28.16 38.95
N ARG B 8 1.99 -27.21 39.43
CA ARG B 8 1.89 -26.99 40.87
C ARG B 8 0.45 -26.80 41.33
N TRP B 9 0.24 -26.71 42.65
CA TRP B 9 -1.10 -26.49 43.19
C TRP B 9 -2.08 -27.57 42.75
N GLY B 10 -1.84 -28.80 43.18
CA GLY B 10 -2.75 -29.89 42.84
C GLY B 10 -3.42 -30.47 44.07
N LYS B 11 -2.73 -31.34 44.79
CA LYS B 11 -3.32 -31.97 45.96
C LYS B 11 -3.54 -30.93 47.05
N PRO B 12 -4.55 -31.10 47.90
CA PRO B 12 -4.90 -30.05 48.84
C PRO B 12 -3.76 -29.75 49.81
N VAL B 13 -3.58 -28.47 50.12
CA VAL B 13 -2.52 -28.08 51.04
C VAL B 13 -3.12 -27.56 52.34
N LEU C 5 36.40 -2.32 6.69
CA LEU C 5 36.07 -0.95 7.09
C LEU C 5 37.21 0.00 6.83
N SER C 6 37.01 1.26 7.17
CA SER C 6 38.00 2.32 7.02
C SER C 6 37.54 3.52 7.83
N ALA C 7 38.08 4.69 7.51
CA ALA C 7 37.57 5.92 8.11
C ALA C 7 36.42 6.48 7.29
N GLU C 8 36.52 6.41 5.97
CA GLU C 8 35.45 6.90 5.10
C GLU C 8 34.17 6.10 5.29
N ASP C 9 34.27 4.78 5.42
CA ASP C 9 33.07 3.98 5.63
C ASP C 9 32.44 4.24 6.99
N LYS C 10 33.27 4.48 8.00
CA LYS C 10 32.74 4.89 9.30
C LYS C 10 31.99 6.21 9.22
N ALA C 11 32.56 7.19 8.51
CA ALA C 11 31.83 8.44 8.35
C ALA C 11 30.56 8.28 7.52
N ALA C 12 30.58 7.36 6.56
CA ALA C 12 29.37 7.03 5.82
C ALA C 12 28.29 6.49 6.76
N VAL C 13 28.68 5.62 7.68
CA VAL C 13 27.69 5.11 8.62
C VAL C 13 27.22 6.20 9.56
N GLU C 14 28.08 7.13 9.92
CA GLU C 14 27.63 8.24 10.75
C GLU C 14 26.57 9.06 10.04
N ARG C 15 26.81 9.39 8.77
CA ARG C 15 25.82 10.12 7.99
C ARG C 15 24.51 9.34 7.89
N SER C 16 24.60 8.02 7.65
CA SER C 16 23.38 7.22 7.55
C SER C 16 22.60 7.21 8.85
N LYS C 17 23.28 7.09 9.98
CA LYS C 17 22.59 7.06 11.27
C LYS C 17 21.92 8.39 11.55
N MET C 18 22.59 9.50 11.22
CA MET C 18 21.95 10.80 11.42
C MET C 18 20.69 10.93 10.57
N ILE C 19 20.76 10.51 9.31
CA ILE C 19 19.59 10.59 8.46
C ILE C 19 18.47 9.70 8.98
N GLU C 20 18.82 8.51 9.48
CA GLU C 20 17.80 7.62 10.03
C GLU C 20 17.14 8.24 11.25
N LYS C 21 17.90 8.96 12.07
CA LYS C 21 17.29 9.67 13.19
C LYS C 21 16.26 10.67 12.71
N GLN C 22 16.61 11.43 11.68
CA GLN C 22 15.63 12.38 11.14
C GLN C 22 14.40 11.66 10.58
N LEU C 23 14.60 10.54 9.92
CA LEU C 23 13.48 9.79 9.35
C LEU C 23 12.57 9.25 10.44
N GLN C 24 13.13 8.79 11.55
CA GLN C 24 12.30 8.39 12.67
C GLN C 24 11.51 9.56 13.23
N LYS C 25 12.11 10.75 13.29
CA LYS C 25 11.33 11.90 13.70
C LYS C 25 10.15 12.13 12.76
N ASP C 26 10.38 12.01 11.46
CA ASP C 26 9.33 12.29 10.49
C ASP C 26 8.24 11.22 10.45
N LYS C 27 8.54 10.00 10.88
CA LYS C 27 7.56 8.92 10.80
C LYS C 27 6.30 9.22 11.61
N GLN C 28 6.45 9.73 12.82
CA GLN C 28 5.29 9.98 13.67
C GLN C 28 4.43 11.09 13.10
N VAL C 29 5.05 12.16 12.60
CA VAL C 29 4.27 13.24 12.02
C VAL C 29 3.56 12.75 10.78
N TYR C 30 4.17 11.86 10.00
CA TYR C 30 3.49 11.38 8.80
C TYR C 30 2.31 10.49 9.15
N ARG C 31 2.51 9.51 10.04
CA ARG C 31 1.43 8.57 10.32
C ARG C 31 0.34 9.15 11.21
N ALA C 32 0.54 10.32 11.78
CA ALA C 32 -0.44 10.88 12.69
C ALA C 32 -1.21 12.03 12.07
N THR C 33 -1.09 12.25 10.77
CA THR C 33 -1.84 13.28 10.07
C THR C 33 -2.65 12.61 8.97
N HIS C 34 -3.85 13.13 8.71
CA HIS C 34 -4.82 12.48 7.87
C HIS C 34 -5.04 13.27 6.59
N ARG C 35 -4.95 12.57 5.47
CA ARG C 35 -4.95 13.21 4.17
C ARG C 35 -6.30 13.04 3.48
N LEU C 36 -6.81 14.15 2.95
CA LEU C 36 -8.12 14.22 2.35
C LEU C 36 -7.99 14.82 0.97
N LEU C 37 -8.72 14.27 0.00
CA LEU C 37 -8.67 14.78 -1.37
C LEU C 37 -9.97 15.47 -1.72
N LEU C 38 -9.92 16.76 -1.94
CA LEU C 38 -11.12 17.53 -2.27
C LEU C 38 -11.31 17.47 -3.78
N LEU C 39 -12.28 16.67 -4.22
CA LEU C 39 -12.72 16.63 -5.60
C LEU C 39 -14.04 17.35 -5.77
N GLY C 40 -14.22 17.89 -6.95
CA GLY C 40 -15.41 18.63 -7.28
C GLY C 40 -15.29 19.18 -8.68
N ALA C 41 -16.33 19.89 -9.08
CA ALA C 41 -16.38 20.49 -10.41
C ALA C 41 -16.38 22.01 -10.29
N ASP C 42 -16.49 22.67 -11.43
CA ASP C 42 -16.33 24.12 -11.46
C ASP C 42 -17.50 24.82 -10.79
N ASN C 43 -18.73 24.37 -11.06
CA ASN C 43 -19.91 25.02 -10.48
C ASN C 43 -20.01 24.80 -8.98
N SER C 44 -19.50 23.67 -8.48
CA SER C 44 -19.46 23.41 -7.06
C SER C 44 -18.57 24.40 -6.36
N GLY C 45 -18.90 24.74 -5.12
CA GLY C 45 -18.00 25.61 -4.40
C GLY C 45 -16.97 24.82 -3.63
N LYS C 46 -15.84 24.51 -4.26
CA LYS C 46 -14.74 23.92 -3.54
C LYS C 46 -13.87 25.00 -2.94
N SER C 47 -13.54 26.00 -3.77
CA SER C 47 -12.67 27.08 -3.34
C SER C 47 -13.26 27.80 -2.14
N THR C 48 -14.57 27.96 -2.11
CA THR C 48 -15.17 28.58 -0.94
C THR C 48 -15.09 27.67 0.27
N ILE C 49 -15.23 26.36 0.08
CA ILE C 49 -15.06 25.43 1.20
C ILE C 49 -13.65 25.51 1.76
N VAL C 50 -12.66 25.52 0.87
CA VAL C 50 -11.27 25.60 1.31
C VAL C 50 -11.00 26.91 2.02
N LYS C 51 -11.46 28.02 1.44
CA LYS C 51 -11.22 29.32 2.03
C LYS C 51 -11.89 29.46 3.39
N GLN C 52 -13.11 28.95 3.52
CA GLN C 52 -13.80 29.02 4.80
C GLN C 52 -13.31 27.96 5.77
N MET C 53 -12.51 27.01 5.31
CA MET C 53 -11.88 26.05 6.20
C MET C 53 -10.42 26.40 6.51
N ARG C 54 -9.93 27.51 6.00
CA ARG C 54 -8.67 28.10 6.47
C ARG C 54 -8.94 29.03 7.65
N ILE C 55 -9.65 28.49 8.64
CA ILE C 55 -9.86 29.17 9.91
C ILE C 55 -9.32 28.26 10.98
N TYR C 56 -9.34 26.96 10.70
CA TYR C 56 -8.80 25.97 11.63
C TYR C 56 -7.33 25.71 11.37
N HIS C 57 -6.55 26.76 11.19
CA HIS C 57 -5.16 26.55 10.80
C HIS C 57 -4.30 26.23 12.01
N VAL C 58 -3.19 25.55 11.74
CA VAL C 58 -2.27 25.12 12.80
C VAL C 58 -1.66 26.33 13.51
N THR C 181 0.04 28.72 -12.15
CA THR C 181 -0.35 27.45 -12.71
C THR C 181 0.07 26.29 -11.83
N SER C 182 -0.03 26.47 -10.52
CA SER C 182 0.26 25.38 -9.60
C SER C 182 -0.83 24.33 -9.69
N GLY C 183 -0.43 23.08 -9.63
CA GLY C 183 -1.34 21.99 -9.88
C GLY C 183 -2.06 21.42 -8.69
N ILE C 184 -1.71 21.83 -7.47
CA ILE C 184 -2.32 21.26 -6.28
C ILE C 184 -2.11 22.25 -5.15
N PHE C 185 -3.13 22.43 -4.33
CA PHE C 185 -3.07 23.32 -3.19
C PHE C 185 -3.26 22.49 -1.94
N GLU C 186 -2.34 22.63 -1.01
CA GLU C 186 -2.34 21.89 0.25
C GLU C 186 -2.85 22.84 1.32
N THR C 187 -3.94 22.49 1.98
CA THR C 187 -4.42 23.25 3.11
C THR C 187 -4.34 22.40 4.37
N LYS C 188 -3.61 22.90 5.35
CA LYS C 188 -3.46 22.29 6.66
C LYS C 188 -4.54 22.81 7.60
N PHE C 189 -5.10 21.90 8.38
CA PHE C 189 -5.97 22.35 9.46
C PHE C 189 -6.08 21.25 10.50
N GLN C 190 -6.19 21.63 11.76
CA GLN C 190 -6.36 20.64 12.81
C GLN C 190 -7.69 20.86 13.52
N VAL C 191 -8.32 19.76 13.92
CA VAL C 191 -9.51 19.76 14.74
C VAL C 191 -9.27 18.81 15.90
N ASP C 192 -9.48 19.30 17.13
CA ASP C 192 -9.33 18.49 18.33
C ASP C 192 -7.96 17.80 18.39
N LYS C 193 -6.91 18.55 18.10
CA LYS C 193 -5.53 18.09 18.12
C LYS C 193 -5.25 17.00 17.10
N VAL C 194 -6.09 16.86 16.08
CA VAL C 194 -5.84 15.93 14.99
C VAL C 194 -5.57 16.76 13.75
N ASN C 195 -4.46 16.48 13.07
CA ASN C 195 -4.02 17.28 11.94
C ASN C 195 -4.52 16.67 10.63
N PHE C 196 -4.89 17.54 9.69
CA PHE C 196 -5.41 17.12 8.39
C PHE C 196 -4.74 17.90 7.28
N HIS C 197 -4.29 17.17 6.27
CA HIS C 197 -3.98 17.69 4.94
C HIS C 197 -5.23 17.63 4.08
N MET C 198 -5.44 18.65 3.27
CA MET C 198 -6.48 18.60 2.26
C MET C 198 -5.93 19.12 0.94
N PHE C 199 -6.14 18.36 -0.11
CA PHE C 199 -5.45 18.54 -1.39
C PHE C 199 -6.47 18.91 -2.45
N ASP C 200 -6.53 20.19 -2.81
CA ASP C 200 -7.44 20.67 -3.84
C ASP C 200 -6.68 20.69 -5.15
N VAL C 201 -7.11 19.88 -6.11
CA VAL C 201 -6.41 19.79 -7.39
C VAL C 201 -6.92 20.88 -8.31
N GLY C 202 -6.05 21.84 -8.63
CA GLY C 202 -6.43 22.95 -9.48
C GLY C 202 -5.38 23.15 -10.55
N ALA C 203 -5.75 23.92 -11.56
CA ALA C 203 -4.91 24.13 -12.73
C ALA C 203 -4.46 22.80 -13.33
N GLN C 204 -5.41 21.87 -13.43
CA GLN C 204 -5.21 20.62 -14.14
C GLN C 204 -6.27 20.48 -15.21
N ARG C 205 -6.05 19.56 -16.15
CA ARG C 205 -6.99 19.34 -17.22
C ARG C 205 -8.22 18.58 -16.75
N ASP C 206 -9.06 18.22 -17.73
CA ASP C 206 -10.34 17.61 -17.44
C ASP C 206 -10.17 16.18 -16.95
N GLU C 207 -9.33 15.40 -17.60
CA GLU C 207 -9.24 13.99 -17.29
C GLU C 207 -8.59 13.77 -15.94
N ARG C 208 -9.27 13.01 -15.08
CA ARG C 208 -8.77 12.71 -13.75
C ARG C 208 -8.58 11.21 -13.55
N ARG C 209 -8.40 10.47 -14.63
CA ARG C 209 -8.33 9.03 -14.53
C ARG C 209 -6.95 8.52 -14.21
N LYS C 210 -5.95 9.38 -14.19
CA LYS C 210 -4.58 8.94 -13.97
C LYS C 210 -3.96 9.49 -12.71
N TRP C 211 -4.19 10.75 -12.39
CA TRP C 211 -3.58 11.25 -11.17
C TRP C 211 -4.41 10.97 -9.94
N ILE C 212 -5.57 10.35 -10.08
CA ILE C 212 -6.34 10.01 -8.89
C ILE C 212 -5.83 8.74 -8.26
N GLN C 213 -5.10 7.92 -9.00
CA GLN C 213 -4.46 6.74 -8.45
C GLN C 213 -3.48 7.08 -7.35
N CYS C 214 -2.94 8.29 -7.33
CA CYS C 214 -2.01 8.69 -6.28
C CYS C 214 -2.68 8.77 -4.93
N PHE C 215 -4.01 8.71 -4.87
CA PHE C 215 -4.74 8.90 -3.63
C PHE C 215 -5.37 7.60 -3.15
N ASN C 216 -4.66 6.49 -3.27
CA ASN C 216 -5.18 5.22 -2.80
C ASN C 216 -4.99 5.02 -1.32
N ASP C 217 -4.21 5.88 -0.67
CA ASP C 217 -3.90 5.74 0.75
C ASP C 217 -4.32 6.95 1.56
N VAL C 218 -5.24 7.76 1.06
CA VAL C 218 -5.75 8.87 1.84
C VAL C 218 -6.81 8.33 2.78
N THR C 219 -7.21 9.13 3.76
CA THR C 219 -8.30 8.73 4.63
C THR C 219 -9.64 8.85 3.92
N ALA C 220 -9.87 9.92 3.18
CA ALA C 220 -11.18 10.15 2.57
C ALA C 220 -11.05 11.04 1.35
N ILE C 221 -12.08 10.99 0.52
CA ILE C 221 -12.21 11.85 -0.65
C ILE C 221 -13.46 12.67 -0.46
N ILE C 222 -13.31 13.99 -0.38
CA ILE C 222 -14.46 14.87 -0.25
C ILE C 222 -14.96 15.21 -1.64
N PHE C 223 -16.09 14.62 -2.03
CA PHE C 223 -16.69 14.88 -3.32
C PHE C 223 -17.77 15.92 -3.16
N VAL C 224 -17.59 17.07 -3.79
CA VAL C 224 -18.55 18.16 -3.70
C VAL C 224 -19.41 18.18 -4.96
N VAL C 225 -20.73 18.31 -4.79
CA VAL C 225 -21.70 18.30 -5.87
C VAL C 225 -22.57 19.52 -5.75
N ASP C 226 -22.71 20.27 -6.84
CA ASP C 226 -23.68 21.36 -6.86
C ASP C 226 -25.05 20.77 -7.12
N SER C 227 -25.94 20.85 -6.14
CA SER C 227 -27.19 20.14 -6.14
C SER C 227 -28.34 20.98 -6.65
N SER C 228 -28.08 22.14 -7.21
CA SER C 228 -29.12 23.00 -7.73
C SER C 228 -29.01 23.28 -9.21
N ASP C 229 -28.03 22.71 -9.91
CA ASP C 229 -27.88 22.97 -11.33
C ASP C 229 -28.91 22.23 -12.18
N TYR C 230 -29.19 20.97 -11.84
CA TYR C 230 -30.21 20.13 -12.47
C TYR C 230 -29.86 19.74 -13.90
N ASN C 231 -28.86 20.38 -14.50
CA ASN C 231 -28.38 19.96 -15.81
C ASN C 231 -27.19 19.03 -15.70
N ARG C 232 -26.20 19.43 -14.92
CA ARG C 232 -25.00 18.67 -14.76
C ARG C 232 -25.04 17.77 -13.54
N LEU C 233 -26.21 17.64 -12.91
CA LEU C 233 -26.33 16.69 -11.82
C LEU C 233 -26.19 15.28 -12.32
N GLN C 234 -26.61 15.03 -13.56
CA GLN C 234 -26.34 13.73 -14.16
C GLN C 234 -24.85 13.51 -14.39
N GLU C 235 -24.16 14.55 -14.84
CA GLU C 235 -22.72 14.46 -14.99
C GLU C 235 -22.03 14.27 -13.65
N ALA C 236 -22.50 14.96 -12.60
CA ALA C 236 -21.95 14.75 -11.27
C ALA C 236 -22.16 13.31 -10.81
N LEU C 237 -23.34 12.75 -11.06
CA LEU C 237 -23.57 11.37 -10.68
C LEU C 237 -22.64 10.42 -11.42
N ASN C 238 -22.42 10.66 -12.71
CA ASN C 238 -21.53 9.78 -13.46
C ASN C 238 -20.12 9.85 -12.92
N ASP C 239 -19.66 11.07 -12.60
CA ASP C 239 -18.32 11.20 -12.03
C ASP C 239 -18.20 10.46 -10.71
N PHE C 240 -19.21 10.61 -9.84
CA PHE C 240 -19.17 9.93 -8.55
C PHE C 240 -19.18 8.44 -8.74
N LYS C 241 -19.95 7.94 -9.71
CA LYS C 241 -19.98 6.52 -10.00
C LYS C 241 -18.60 6.03 -10.42
N SER C 242 -17.92 6.80 -11.28
CA SER C 242 -16.59 6.40 -11.73
C SER C 242 -15.60 6.39 -10.58
N ILE C 243 -15.69 7.38 -9.68
CA ILE C 243 -14.83 7.38 -8.51
C ILE C 243 -15.11 6.17 -7.63
N TRP C 244 -16.39 5.88 -7.41
CA TRP C 244 -16.79 4.81 -6.51
C TRP C 244 -16.34 3.46 -7.05
N ASN C 245 -16.43 3.26 -8.35
CA ASN C 245 -16.17 1.97 -8.96
C ASN C 245 -14.71 1.75 -9.32
N ASN C 246 -13.90 2.80 -9.35
CA ASN C 246 -12.50 2.65 -9.72
C ASN C 246 -11.73 1.87 -8.67
N ARG C 247 -10.81 1.03 -9.13
CA ARG C 247 -9.87 0.43 -8.21
C ARG C 247 -8.85 1.49 -7.79
N TRP C 248 -7.98 1.11 -6.85
CA TRP C 248 -7.11 2.05 -6.15
C TRP C 248 -7.97 3.01 -5.32
N LEU C 249 -9.27 2.83 -5.38
CA LEU C 249 -10.19 3.61 -4.58
C LEU C 249 -11.29 2.72 -4.02
N ARG C 250 -11.12 1.40 -4.09
CA ARG C 250 -12.09 0.46 -3.57
C ARG C 250 -12.14 0.45 -2.06
N THR C 251 -11.15 1.07 -1.42
CA THR C 251 -11.14 1.23 0.03
C THR C 251 -11.46 2.65 0.46
N ILE C 252 -11.21 3.63 -0.38
CA ILE C 252 -11.31 5.03 0.04
C ILE C 252 -12.76 5.41 0.15
N SER C 253 -13.16 5.87 1.33
CA SER C 253 -14.51 6.34 1.52
C SER C 253 -14.66 7.77 1.03
N VAL C 254 -15.89 8.10 0.67
CA VAL C 254 -16.23 9.38 0.08
C VAL C 254 -17.10 10.13 1.06
N ILE C 255 -16.67 11.31 1.44
CA ILE C 255 -17.54 12.24 2.16
C ILE C 255 -18.18 13.10 1.09
N LEU C 256 -19.49 12.96 0.92
CA LEU C 256 -20.21 13.60 -0.15
C LEU C 256 -20.86 14.87 0.39
N PHE C 257 -20.49 16.00 -0.18
CA PHE C 257 -21.02 17.29 0.20
C PHE C 257 -21.96 17.75 -0.89
N LEU C 258 -23.25 17.74 -0.60
CA LEU C 258 -24.24 18.29 -1.51
C LEU C 258 -24.30 19.79 -1.27
N ASN C 259 -23.39 20.50 -1.92
CA ASN C 259 -23.18 21.90 -1.64
C ASN C 259 -24.26 22.74 -2.30
N LYS C 260 -24.40 23.96 -1.78
CA LYS C 260 -25.37 24.95 -2.25
C LYS C 260 -26.79 24.44 -2.17
N GLN C 261 -27.22 24.16 -0.94
CA GLN C 261 -28.59 23.77 -0.68
C GLN C 261 -29.55 24.95 -0.68
N ASP C 262 -29.08 26.15 -0.35
CA ASP C 262 -30.01 27.27 -0.33
C ASP C 262 -30.43 27.70 -1.72
N LEU C 263 -29.54 27.58 -2.70
CA LEU C 263 -29.95 27.76 -4.09
C LEU C 263 -31.00 26.72 -4.47
N LEU C 264 -30.81 25.48 -4.06
CA LEU C 264 -31.79 24.44 -4.35
C LEU C 264 -33.14 24.78 -3.74
N ALA C 265 -33.14 25.23 -2.49
CA ALA C 265 -34.40 25.59 -1.84
C ALA C 265 -35.07 26.73 -2.58
N GLU C 266 -34.35 27.82 -2.83
CA GLU C 266 -34.95 28.91 -3.55
C GLU C 266 -35.39 28.51 -4.94
N LYS C 267 -34.90 27.39 -5.46
CA LYS C 267 -35.32 26.99 -6.79
C LYS C 267 -36.59 26.13 -6.79
N VAL C 268 -36.71 25.14 -5.90
CA VAL C 268 -37.92 24.32 -5.94
C VAL C 268 -39.12 25.10 -5.42
N LEU C 269 -38.97 25.86 -4.34
CA LEU C 269 -40.10 26.62 -3.82
C LEU C 269 -40.60 27.68 -4.79
N ALA C 270 -39.71 28.37 -5.49
CA ALA C 270 -40.15 29.44 -6.39
C ALA C 270 -41.06 28.89 -7.46
N GLY C 271 -40.75 27.73 -8.01
CA GLY C 271 -41.62 27.04 -8.92
C GLY C 271 -41.19 26.98 -10.37
N LYS C 272 -39.90 27.04 -10.66
CA LYS C 272 -39.42 26.97 -12.04
C LYS C 272 -38.38 25.87 -12.16
N SER C 273 -38.35 25.24 -13.34
CA SER C 273 -37.41 24.18 -13.66
C SER C 273 -37.53 23.03 -12.66
N LYS C 274 -38.75 22.47 -12.59
CA LYS C 274 -39.03 21.42 -11.63
C LYS C 274 -38.13 20.22 -11.86
N ILE C 275 -37.76 19.58 -10.76
CA ILE C 275 -36.77 18.52 -10.82
C ILE C 275 -37.26 17.34 -11.64
N GLU C 276 -38.57 17.08 -11.63
CA GLU C 276 -39.08 15.90 -12.32
C GLU C 276 -38.94 16.00 -13.83
N ASP C 277 -38.65 17.18 -14.37
CA ASP C 277 -38.40 17.29 -15.81
C ASP C 277 -37.04 16.74 -16.20
N TYR C 278 -36.10 16.71 -15.27
CA TYR C 278 -34.79 16.14 -15.51
C TYR C 278 -34.66 14.73 -15.00
N PHE C 279 -35.36 14.39 -13.93
CA PHE C 279 -35.41 13.05 -13.37
C PHE C 279 -36.86 12.57 -13.41
N PRO C 280 -37.18 11.50 -14.12
CA PRO C 280 -38.56 11.01 -14.14
C PRO C 280 -38.88 10.07 -13.00
N GLU C 281 -37.93 9.75 -12.13
CA GLU C 281 -38.17 8.89 -10.99
C GLU C 281 -38.68 9.66 -9.77
N PHE C 282 -38.73 10.98 -9.84
CA PHE C 282 -39.16 11.74 -8.68
C PHE C 282 -40.65 11.62 -8.45
N ALA C 283 -41.42 11.38 -9.50
CA ALA C 283 -42.86 11.26 -9.33
C ALA C 283 -43.27 10.00 -8.60
N ARG C 284 -42.35 9.05 -8.40
CA ARG C 284 -42.64 7.81 -7.70
C ARG C 284 -41.83 7.66 -6.42
N TYR C 285 -41.36 8.76 -5.84
CA TYR C 285 -40.47 8.73 -4.69
C TYR C 285 -41.08 9.53 -3.55
N THR C 286 -40.88 9.05 -2.32
CA THR C 286 -41.39 9.68 -1.12
C THR C 286 -40.30 9.77 -0.07
N THR C 287 -40.49 10.70 0.86
CA THR C 287 -39.46 10.99 1.85
C THR C 287 -39.14 9.73 2.64
N PRO C 288 -37.88 9.34 2.74
CA PRO C 288 -37.56 8.10 3.44
C PRO C 288 -37.77 8.24 4.94
N GLU C 289 -37.91 7.10 5.60
CA GLU C 289 -38.24 7.11 7.03
C GLU C 289 -37.14 7.76 7.86
N ASP C 290 -35.89 7.51 7.52
CA ASP C 290 -34.76 8.05 8.26
C ASP C 290 -34.55 9.54 8.03
N ALA C 291 -35.52 10.24 7.46
CA ALA C 291 -35.38 11.67 7.23
C ALA C 291 -35.30 12.41 8.55
N THR C 292 -34.37 13.35 8.63
CA THR C 292 -34.22 14.22 9.79
C THR C 292 -34.19 15.65 9.27
N PRO C 293 -35.35 16.21 8.95
CA PRO C 293 -35.38 17.53 8.31
C PRO C 293 -34.89 18.62 9.24
N GLU C 294 -34.33 19.66 8.63
CA GLU C 294 -34.07 20.89 9.36
C GLU C 294 -35.39 21.54 9.75
N PRO C 295 -35.46 22.18 10.91
CA PRO C 295 -36.70 22.86 11.31
C PRO C 295 -37.09 23.96 10.32
N GLY C 296 -38.39 24.15 10.16
CA GLY C 296 -38.90 25.15 9.23
C GLY C 296 -38.61 24.86 7.77
N GLU C 297 -38.83 23.61 7.34
CA GLU C 297 -38.47 23.17 6.01
C GLU C 297 -39.69 22.64 5.29
N ASP C 298 -39.86 23.04 4.04
CA ASP C 298 -40.99 22.60 3.25
C ASP C 298 -40.88 21.12 2.94
N PRO C 299 -42.00 20.40 2.85
CA PRO C 299 -41.92 19.00 2.43
C PRO C 299 -41.36 18.80 1.04
N ARG C 300 -41.58 19.74 0.13
CA ARG C 300 -41.09 19.57 -1.24
C ARG C 300 -39.57 19.65 -1.28
N VAL C 301 -39.00 20.66 -0.62
CA VAL C 301 -37.55 20.81 -0.67
C VAL C 301 -36.88 19.64 0.01
N THR C 302 -37.44 19.15 1.11
CA THR C 302 -36.84 18.01 1.77
C THR C 302 -36.98 16.75 0.93
N ARG C 303 -38.10 16.59 0.22
CA ARG C 303 -38.23 15.44 -0.66
C ARG C 303 -37.19 15.47 -1.77
N ALA C 304 -37.00 16.62 -2.41
CA ALA C 304 -36.01 16.72 -3.48
C ALA C 304 -34.59 16.54 -2.96
N LYS C 305 -34.30 17.15 -1.82
CA LYS C 305 -32.96 17.06 -1.24
C LYS C 305 -32.61 15.63 -0.90
N TYR C 306 -33.54 14.91 -0.28
CA TYR C 306 -33.29 13.51 0.00
C TYR C 306 -33.35 12.66 -1.26
N PHE C 307 -34.03 13.10 -2.30
CA PHE C 307 -33.98 12.38 -3.56
C PHE C 307 -32.59 12.41 -4.17
N ILE C 308 -31.96 13.57 -4.17
CA ILE C 308 -30.59 13.65 -4.69
C ILE C 308 -29.65 12.85 -3.82
N ARG C 309 -29.78 12.97 -2.50
CA ARG C 309 -28.95 12.16 -1.62
C ARG C 309 -29.15 10.68 -1.92
N ASP C 310 -30.39 10.29 -2.19
CA ASP C 310 -30.66 8.89 -2.45
C ASP C 310 -30.07 8.45 -3.77
N GLU C 311 -30.06 9.35 -4.75
CA GLU C 311 -29.49 9.03 -6.06
C GLU C 311 -28.00 8.79 -5.96
N PHE C 312 -27.34 9.45 -5.01
CA PHE C 312 -25.92 9.17 -4.83
C PHE C 312 -25.69 7.92 -3.99
N LEU C 313 -26.46 7.77 -2.92
CA LEU C 313 -26.30 6.63 -2.05
C LEU C 313 -26.69 5.32 -2.73
N ARG C 314 -27.56 5.39 -3.74
CA ARG C 314 -27.86 4.21 -4.53
C ARG C 314 -26.61 3.66 -5.22
N ILE C 315 -25.86 4.51 -5.90
CA ILE C 315 -24.61 4.07 -6.49
C ILE C 315 -23.65 3.61 -5.42
N SER C 316 -23.63 4.30 -4.27
CA SER C 316 -22.67 3.94 -3.24
C SER C 316 -22.89 2.53 -2.75
N THR C 317 -24.13 2.18 -2.48
CA THR C 317 -24.45 0.85 -1.95
C THR C 317 -24.59 -0.21 -3.01
N ALA C 318 -24.73 0.17 -4.28
CA ALA C 318 -25.05 -0.81 -5.30
C ALA C 318 -23.94 -1.82 -5.48
N SER C 319 -22.69 -1.37 -5.50
CA SER C 319 -21.60 -2.23 -5.94
C SER C 319 -20.57 -2.51 -4.86
N GLY C 320 -20.01 -1.48 -4.24
CA GLY C 320 -18.86 -1.69 -3.37
C GLY C 320 -19.21 -2.54 -2.17
N ASP C 321 -18.20 -3.27 -1.69
CA ASP C 321 -18.38 -4.16 -0.54
C ASP C 321 -18.38 -3.33 0.74
N GLY C 322 -18.24 -3.99 1.87
CA GLY C 322 -18.29 -3.28 3.13
C GLY C 322 -17.01 -2.56 3.47
N ARG C 323 -16.20 -2.29 2.45
CA ARG C 323 -14.89 -1.69 2.62
C ARG C 323 -14.87 -0.18 2.46
N HIS C 324 -15.87 0.41 1.84
CA HIS C 324 -15.95 1.86 1.76
C HIS C 324 -17.40 2.28 1.69
N TYR C 325 -17.71 3.37 2.35
CA TYR C 325 -19.06 3.87 2.43
C TYR C 325 -19.08 5.35 2.06
N CYS C 326 -20.23 5.81 1.63
CA CYS C 326 -20.44 7.19 1.28
C CYS C 326 -21.21 7.87 2.40
N TYR C 327 -20.77 9.06 2.78
CA TYR C 327 -21.34 9.79 3.89
C TYR C 327 -21.93 11.10 3.42
N PRO C 328 -23.23 11.17 3.16
CA PRO C 328 -23.81 12.38 2.59
C PRO C 328 -24.05 13.45 3.62
N HIS C 329 -23.65 14.67 3.28
CA HIS C 329 -23.93 15.84 4.09
C HIS C 329 -24.48 16.93 3.21
N PHE C 330 -25.61 17.50 3.61
CA PHE C 330 -26.19 18.64 2.92
C PHE C 330 -25.54 19.90 3.45
N THR C 331 -24.54 20.39 2.74
CA THR C 331 -23.73 21.50 3.18
C THR C 331 -24.24 22.80 2.59
N CYS C 332 -23.43 23.86 2.73
CA CYS C 332 -23.63 25.09 2.01
C CYS C 332 -22.27 25.77 1.91
N SER C 333 -22.18 26.75 1.02
CA SER C 333 -20.89 27.36 0.71
C SER C 333 -20.30 28.08 1.91
N VAL C 334 -21.14 28.66 2.77
CA VAL C 334 -20.69 29.52 3.86
C VAL C 334 -20.77 28.86 5.21
N ASP C 335 -21.29 27.64 5.29
CA ASP C 335 -21.50 27.00 6.58
C ASP C 335 -20.16 26.74 7.24
N THR C 336 -20.15 26.77 8.57
CA THR C 336 -18.91 26.75 9.33
C THR C 336 -18.56 25.39 9.92
N GLU C 337 -19.49 24.46 9.98
CA GLU C 337 -19.30 23.20 10.69
C GLU C 337 -18.71 22.12 9.81
N ASN C 338 -17.99 22.48 8.75
CA ASN C 338 -17.51 21.48 7.79
C ASN C 338 -16.32 20.70 8.33
N ALA C 339 -15.41 21.37 9.02
CA ALA C 339 -14.24 20.68 9.56
C ALA C 339 -14.67 19.58 10.52
N ARG C 340 -15.67 19.88 11.34
CA ARG C 340 -16.20 18.88 12.27
C ARG C 340 -16.77 17.69 11.52
N ARG C 341 -17.46 17.93 10.41
CA ARG C 341 -18.03 16.82 9.64
C ARG C 341 -16.95 15.92 9.07
N ILE C 342 -15.90 16.50 8.51
CA ILE C 342 -14.80 15.68 8.02
C ILE C 342 -14.17 14.91 9.16
N PHE C 343 -13.99 15.56 10.31
CA PHE C 343 -13.39 14.90 11.47
C PHE C 343 -14.21 13.72 11.93
N ASN C 344 -15.52 13.91 12.07
CA ASN C 344 -16.39 12.84 12.52
C ASN C 344 -16.42 11.69 11.54
N ASP C 345 -16.54 11.98 10.26
CA ASP C 345 -16.63 10.89 9.30
C ASP C 345 -15.29 10.18 9.15
N CYS C 346 -14.20 10.87 9.42
CA CYS C 346 -12.91 10.18 9.41
C CYS C 346 -12.79 9.26 10.59
N ARG C 347 -13.26 9.69 11.76
CA ARG C 347 -13.36 8.78 12.89
C ARG C 347 -14.18 7.56 12.54
N ASP C 348 -15.30 7.76 11.85
CA ASP C 348 -16.13 6.64 11.42
C ASP C 348 -15.39 5.73 10.44
N ILE C 349 -14.68 6.30 9.49
CA ILE C 349 -13.97 5.52 8.50
C ILE C 349 -12.95 4.63 9.18
N ILE C 350 -12.17 5.21 10.10
CA ILE C 350 -11.11 4.45 10.76
C ILE C 350 -11.72 3.39 11.67
N GLN C 351 -12.75 3.76 12.42
CA GLN C 351 -13.42 2.82 13.31
C GLN C 351 -13.93 1.63 12.53
N ARG C 352 -14.60 1.88 11.42
CA ARG C 352 -15.17 0.80 10.63
C ARG C 352 -14.11 -0.07 9.99
N MET C 353 -13.04 0.54 9.47
CA MET C 353 -11.92 -0.23 8.94
C MET C 353 -11.39 -1.21 9.96
N HIS C 354 -11.07 -0.69 11.15
CA HIS C 354 -10.49 -1.54 12.17
C HIS C 354 -11.47 -2.60 12.64
N LEU C 355 -12.74 -2.25 12.78
CA LEU C 355 -13.72 -3.25 13.18
C LEU C 355 -13.88 -4.32 12.12
N ARG C 356 -13.80 -3.95 10.86
CA ARG C 356 -13.95 -4.93 9.80
C ARG C 356 -12.73 -5.84 9.73
N GLN C 357 -11.58 -5.39 10.15
CA GLN C 357 -10.45 -6.30 10.24
C GLN C 357 -10.36 -7.00 11.59
N TYR C 358 -11.23 -6.68 12.53
CA TYR C 358 -11.36 -7.46 13.75
C TYR C 358 -12.52 -8.44 13.70
N GLU C 359 -13.18 -8.55 12.56
CA GLU C 359 -14.32 -9.43 12.35
C GLU C 359 -15.48 -9.09 13.27
N LEU C 360 -15.43 -7.95 13.95
CA LEU C 360 -16.64 -7.32 14.45
C LEU C 360 -17.27 -6.59 13.26
N LEU C 361 -18.39 -5.92 13.50
CA LEU C 361 -19.11 -5.21 12.44
C LEU C 361 -19.48 -6.14 11.28
N LEU D 9 -15.49 21.27 -41.88
CA LEU D 9 -15.40 20.26 -40.83
C LEU D 9 -15.24 18.86 -41.43
N ASP D 10 -16.09 18.54 -42.39
CA ASP D 10 -16.01 17.23 -43.04
C ASP D 10 -14.70 17.09 -43.82
N GLN D 11 -14.26 18.16 -44.47
CA GLN D 11 -13.05 18.08 -45.29
C GLN D 11 -11.82 17.78 -44.44
N LEU D 12 -11.75 18.36 -43.24
CA LEU D 12 -10.59 18.13 -42.38
C LEU D 12 -10.51 16.67 -41.95
N ARG D 13 -11.64 16.11 -41.50
CA ARG D 13 -11.66 14.69 -41.11
C ARG D 13 -11.35 13.81 -42.30
N GLN D 14 -11.90 14.13 -43.47
CA GLN D 14 -11.63 13.35 -44.67
C GLN D 14 -10.16 13.37 -45.02
N GLU D 15 -9.51 14.54 -44.94
CA GLU D 15 -8.10 14.63 -45.26
C GLU D 15 -7.27 13.84 -44.26
N ALA D 16 -7.60 13.95 -42.98
CA ALA D 16 -6.87 13.18 -41.97
C ALA D 16 -7.01 11.68 -42.24
N GLU D 17 -8.22 11.23 -42.55
CA GLU D 17 -8.41 9.82 -42.83
C GLU D 17 -7.69 9.40 -44.10
N GLN D 18 -7.65 10.28 -45.10
CA GLN D 18 -6.96 9.96 -46.34
C GLN D 18 -5.46 9.79 -46.11
N LEU D 19 -4.88 10.68 -45.30
CA LEU D 19 -3.48 10.49 -44.92
C LEU D 19 -3.29 9.20 -44.14
N LYS D 20 -4.22 8.92 -43.22
CA LYS D 20 -4.10 7.74 -42.38
C LYS D 20 -4.09 6.47 -43.20
N ASN D 21 -4.97 6.39 -44.20
CA ASN D 21 -5.01 5.17 -45.01
C ASN D 21 -3.69 4.95 -45.73
N GLN D 22 -3.15 6.01 -46.33
CA GLN D 22 -1.88 5.87 -47.04
C GLN D 22 -0.76 5.47 -46.11
N ILE D 23 -0.72 6.06 -44.91
CA ILE D 23 0.38 5.77 -44.01
C ILE D 23 0.24 4.37 -43.45
N ARG D 24 -0.99 3.91 -43.21
CA ARG D 24 -1.21 2.53 -42.76
C ARG D 24 -0.79 1.54 -43.83
N ASP D 25 -1.15 1.82 -45.09
CA ASP D 25 -0.76 0.92 -46.17
C ASP D 25 0.75 0.88 -46.33
N ALA D 26 1.40 2.05 -46.22
CA ALA D 26 2.86 2.08 -46.29
C ALA D 26 3.47 1.26 -45.16
N ARG D 27 2.94 1.41 -43.96
CA ARG D 27 3.45 0.64 -42.83
C ARG D 27 3.28 -0.86 -43.08
N LYS D 28 2.12 -1.26 -43.61
CA LYS D 28 1.88 -2.67 -43.88
C LYS D 28 2.79 -3.18 -44.97
N ALA D 29 3.16 -2.33 -45.92
CA ALA D 29 3.98 -2.79 -47.04
C ALA D 29 5.35 -3.28 -46.56
N CYS D 30 5.96 -2.57 -45.63
CA CYS D 30 7.31 -2.89 -45.19
C CYS D 30 7.29 -3.83 -43.99
N ALA D 31 6.71 -5.01 -44.19
CA ALA D 31 6.59 -6.01 -43.15
C ALA D 31 6.91 -7.38 -43.71
N ASP D 32 7.99 -7.47 -44.48
CA ASP D 32 8.26 -8.67 -45.25
C ASP D 32 8.49 -9.88 -44.35
N ALA D 33 9.30 -9.73 -43.30
CA ALA D 33 9.61 -10.82 -42.39
C ALA D 33 9.26 -10.40 -40.97
N THR D 34 8.47 -11.22 -40.29
CA THR D 34 8.11 -10.95 -38.90
C THR D 34 9.30 -11.22 -37.99
N LEU D 35 9.46 -10.37 -36.97
CA LEU D 35 10.55 -10.55 -36.01
C LEU D 35 10.45 -11.88 -35.29
N SER D 36 9.24 -12.41 -35.12
CA SER D 36 9.07 -13.65 -34.38
C SER D 36 9.73 -14.83 -35.10
N GLN D 37 9.56 -14.91 -36.42
CA GLN D 37 10.04 -16.06 -37.18
C GLN D 37 11.52 -15.97 -37.55
N ILE D 38 12.15 -14.81 -37.43
CA ILE D 38 13.56 -14.69 -37.77
C ILE D 38 14.40 -14.91 -36.52
N THR D 39 13.77 -15.44 -35.48
CA THR D 39 14.44 -15.76 -34.22
C THR D 39 14.25 -17.22 -33.83
N ASN D 40 13.91 -18.10 -34.78
CA ASN D 40 13.74 -19.50 -34.44
C ASN D 40 15.04 -20.11 -33.94
N ASN D 41 16.15 -19.78 -34.57
CA ASN D 41 17.45 -20.27 -34.12
C ASN D 41 17.89 -19.62 -32.81
N ILE D 42 17.18 -18.58 -32.36
CA ILE D 42 17.58 -17.90 -31.14
C ILE D 42 17.27 -18.78 -29.95
N ASP D 43 18.28 -19.06 -29.15
CA ASP D 43 18.09 -19.91 -27.99
C ASP D 43 17.28 -19.18 -26.93
N PRO D 44 16.19 -19.76 -26.44
CA PRO D 44 15.45 -19.11 -25.36
C PRO D 44 16.33 -18.95 -24.15
N VAL D 45 16.13 -17.85 -23.42
CA VAL D 45 16.97 -17.60 -22.26
C VAL D 45 16.72 -18.67 -21.21
N GLY D 46 15.51 -19.19 -21.13
CA GLY D 46 15.15 -20.16 -20.11
C GLY D 46 14.34 -19.54 -18.98
N ARG D 47 14.86 -19.63 -17.77
CA ARG D 47 14.20 -19.06 -16.60
C ARG D 47 15.21 -18.21 -15.84
N ILE D 48 14.83 -16.98 -15.52
CA ILE D 48 15.69 -16.08 -14.76
C ILE D 48 15.06 -15.93 -13.39
N GLN D 49 15.76 -16.39 -12.37
CA GLN D 49 15.35 -16.21 -10.99
C GLN D 49 16.35 -15.26 -10.35
N MET D 50 15.86 -14.19 -9.78
CA MET D 50 16.71 -13.20 -9.17
C MET D 50 16.24 -12.96 -7.76
N ARG D 51 17.17 -12.86 -6.83
CA ARG D 51 16.83 -12.75 -5.42
C ARG D 51 17.13 -11.35 -4.91
N THR D 52 16.48 -11.02 -3.81
CA THR D 52 16.66 -9.71 -3.19
C THR D 52 17.96 -9.72 -2.42
N ARG D 53 18.98 -9.11 -2.98
CA ARG D 53 20.24 -8.95 -2.27
C ARG D 53 20.13 -7.90 -1.17
N ARG D 54 19.82 -6.67 -1.54
CA ARG D 54 19.56 -5.61 -0.59
C ARG D 54 18.08 -5.25 -0.61
N THR D 55 17.55 -4.90 0.55
CA THR D 55 16.24 -4.31 0.66
C THR D 55 16.40 -2.98 1.37
N LEU D 56 16.21 -1.90 0.63
CA LEU D 56 16.32 -0.55 1.17
C LEU D 56 14.99 -0.20 1.79
N ARG D 57 14.98 -0.01 3.10
CA ARG D 57 13.81 0.44 3.83
C ARG D 57 14.11 1.78 4.46
N GLY D 58 13.06 2.52 4.74
CA GLY D 58 13.21 3.83 5.33
C GLY D 58 12.15 4.75 4.82
N HIS D 59 11.55 4.41 3.69
CA HIS D 59 10.45 5.19 3.16
C HIS D 59 9.16 4.92 3.91
N LEU D 60 8.39 5.98 4.11
CA LEU D 60 7.12 5.83 4.81
C LEU D 60 6.05 5.22 3.94
N ALA D 61 5.98 5.63 2.68
CA ALA D 61 4.81 5.42 1.87
C ALA D 61 5.23 4.92 0.51
N LYS D 62 4.30 4.96 -0.44
CA LYS D 62 4.54 4.41 -1.75
C LYS D 62 5.71 5.09 -2.43
N ILE D 63 6.51 4.30 -3.12
CA ILE D 63 7.61 4.77 -3.94
C ILE D 63 7.09 4.94 -5.34
N TYR D 64 7.17 6.14 -5.87
CA TYR D 64 6.57 6.39 -7.17
C TYR D 64 7.59 6.50 -8.29
N ALA D 65 8.87 6.68 -7.96
CA ALA D 65 9.91 6.78 -8.96
C ALA D 65 11.26 6.49 -8.31
N MET D 66 12.14 5.82 -9.06
CA MET D 66 13.55 5.75 -8.72
C MET D 66 14.36 5.96 -9.99
N HIS D 67 15.61 6.41 -9.80
CA HIS D 67 16.51 6.53 -10.93
C HIS D 67 17.93 6.28 -10.45
N TRP D 68 18.66 5.43 -11.17
CA TRP D 68 20.03 5.12 -10.83
C TRP D 68 20.96 6.26 -11.18
N GLY D 69 22.25 6.03 -10.92
CA GLY D 69 23.29 6.96 -11.23
C GLY D 69 24.14 6.46 -12.38
N THR D 70 24.93 7.38 -12.93
CA THR D 70 25.82 6.98 -14.01
C THR D 70 26.94 6.08 -13.50
N ASP D 71 27.13 6.01 -12.19
CA ASP D 71 28.13 5.12 -11.61
C ASP D 71 27.58 3.75 -11.28
N SER D 72 26.29 3.52 -11.46
CA SER D 72 25.62 2.26 -11.17
C SER D 72 25.66 1.89 -9.70
N ARG D 73 25.92 2.86 -8.82
CA ARG D 73 26.03 2.59 -7.40
C ARG D 73 25.07 3.40 -6.55
N LEU D 74 25.02 4.71 -6.76
CA LEU D 74 24.08 5.56 -6.04
C LEU D 74 22.74 5.58 -6.76
N LEU D 75 21.68 5.88 -6.01
CA LEU D 75 20.36 5.96 -6.62
C LEU D 75 19.45 6.85 -5.82
N VAL D 76 18.55 7.52 -6.53
CA VAL D 76 17.58 8.42 -5.94
C VAL D 76 16.22 7.74 -5.94
N SER D 77 15.46 7.96 -4.88
CA SER D 77 14.15 7.36 -4.75
C SER D 77 13.16 8.40 -4.26
N ALA D 78 12.03 8.48 -4.95
CA ALA D 78 11.02 9.50 -4.71
C ALA D 78 9.78 8.85 -4.13
N SER D 79 9.32 9.33 -2.99
CA SER D 79 8.16 8.72 -2.35
C SER D 79 7.08 9.75 -2.08
N GLN D 80 5.87 9.25 -1.85
CA GLN D 80 4.69 10.08 -1.67
C GLN D 80 4.67 10.78 -0.33
N ASP D 81 5.54 10.40 0.60
CA ASP D 81 5.66 11.09 1.86
C ASP D 81 6.39 12.41 1.76
N GLY D 82 6.94 12.73 0.61
CA GLY D 82 7.73 13.93 0.43
C GLY D 82 9.21 13.75 0.57
N LYS D 83 9.71 12.53 0.46
CA LYS D 83 11.11 12.24 0.65
C LYS D 83 11.76 11.86 -0.67
N LEU D 84 12.99 12.35 -0.84
CA LEU D 84 13.82 12.05 -1.99
C LEU D 84 15.15 11.58 -1.41
N ILE D 85 15.36 10.27 -1.38
CA ILE D 85 16.49 9.68 -0.68
C ILE D 85 17.54 9.26 -1.69
N ILE D 86 18.79 9.61 -1.43
CA ILE D 86 19.91 9.05 -2.17
C ILE D 86 20.51 7.93 -1.34
N TRP D 87 20.46 6.72 -1.84
CA TRP D 87 21.00 5.58 -1.15
C TRP D 87 22.41 5.29 -1.63
N ASP D 88 23.01 4.25 -1.05
CA ASP D 88 24.21 3.60 -1.56
C ASP D 88 23.88 2.13 -1.54
N SER D 89 23.52 1.57 -2.70
CA SER D 89 22.99 0.22 -2.76
C SER D 89 23.97 -0.82 -2.24
N TYR D 90 25.27 -0.51 -2.26
CA TYR D 90 26.26 -1.44 -1.74
C TYR D 90 26.08 -1.63 -0.24
N THR D 91 26.19 -0.55 0.51
CA THR D 91 26.25 -0.58 1.96
C THR D 91 24.92 -0.25 2.61
N THR D 92 23.85 -0.15 1.84
CA THR D 92 22.50 0.13 2.33
C THR D 92 22.44 1.47 3.06
N ASN D 93 23.48 2.27 2.95
CA ASN D 93 23.52 3.55 3.65
C ASN D 93 22.55 4.53 3.02
N LYS D 94 22.52 5.73 3.58
CA LYS D 94 21.89 6.87 2.97
C LYS D 94 22.91 7.98 2.89
N VAL D 95 22.84 8.77 1.83
CA VAL D 95 23.80 9.84 1.62
C VAL D 95 23.14 11.20 1.74
N HIS D 96 21.91 11.36 1.25
CA HIS D 96 21.11 12.54 1.52
C HIS D 96 19.66 12.14 1.61
N ALA D 97 18.87 12.95 2.30
CA ALA D 97 17.41 12.76 2.35
C ALA D 97 16.76 14.12 2.20
N ILE D 98 16.41 14.49 0.97
CA ILE D 98 15.76 15.76 0.69
C ILE D 98 14.30 15.72 1.09
N PRO D 99 13.84 16.65 1.92
CA PRO D 99 12.41 16.83 2.15
C PRO D 99 11.82 17.74 1.07
N LEU D 100 10.84 17.23 0.34
CA LEU D 100 10.25 17.96 -0.77
C LEU D 100 9.22 18.96 -0.28
N ARG D 101 8.86 19.88 -1.17
CA ARG D 101 7.81 20.82 -0.84
C ARG D 101 6.44 20.24 -1.10
N SER D 102 6.23 19.62 -2.26
CA SER D 102 4.99 18.96 -2.59
C SER D 102 5.18 17.47 -2.44
N SER D 103 4.31 16.84 -1.67
CA SER D 103 4.49 15.43 -1.35
C SER D 103 4.01 14.49 -2.43
N TRP D 104 3.24 14.99 -3.40
CA TRP D 104 2.73 14.15 -4.47
C TRP D 104 3.67 14.19 -5.67
N VAL D 105 4.81 13.56 -5.47
CA VAL D 105 5.85 13.51 -6.49
C VAL D 105 5.66 12.25 -7.31
N MET D 106 5.77 12.39 -8.62
CA MET D 106 5.53 11.30 -9.53
C MET D 106 6.73 10.97 -10.40
N THR D 107 7.85 11.67 -10.23
CA THR D 107 9.03 11.37 -11.01
C THR D 107 10.27 11.80 -10.24
N CYS D 108 11.39 11.18 -10.58
CA CYS D 108 12.69 11.60 -10.11
C CYS D 108 13.68 11.33 -11.21
N ALA D 109 14.80 12.05 -11.17
CA ALA D 109 15.88 11.85 -12.12
C ALA D 109 17.18 12.19 -11.45
N TYR D 110 18.27 11.68 -12.00
CA TYR D 110 19.57 11.79 -11.35
C TYR D 110 20.52 12.28 -12.43
N ALA D 111 21.10 13.45 -12.24
CA ALA D 111 21.87 14.05 -13.32
C ALA D 111 23.09 13.20 -13.65
N PRO D 112 23.47 13.12 -14.92
CA PRO D 112 24.60 12.25 -15.30
C PRO D 112 25.91 12.62 -14.63
N SER D 113 26.15 13.90 -14.38
CA SER D 113 27.37 14.31 -13.72
C SER D 113 27.36 14.03 -12.23
N GLY D 114 26.20 13.78 -11.66
CA GLY D 114 26.08 13.50 -10.25
C GLY D 114 25.83 14.71 -9.39
N ASN D 115 25.91 15.91 -9.94
CA ASN D 115 25.76 17.11 -9.15
C ASN D 115 24.32 17.50 -8.91
N TYR D 116 23.36 16.88 -9.60
CA TYR D 116 21.99 17.30 -9.48
C TYR D 116 21.05 16.10 -9.43
N VAL D 117 19.89 16.31 -8.83
CA VAL D 117 18.76 15.41 -8.98
C VAL D 117 17.55 16.28 -9.27
N ALA D 118 16.52 15.68 -9.85
CA ALA D 118 15.34 16.41 -10.23
C ALA D 118 14.12 15.62 -9.82
N CYS D 119 13.07 16.33 -9.42
CA CYS D 119 11.82 15.68 -9.06
C CYS D 119 10.66 16.58 -9.38
N GLY D 120 9.54 15.98 -9.75
CA GLY D 120 8.34 16.74 -10.04
C GLY D 120 7.11 15.90 -9.86
N GLY D 121 5.97 16.54 -9.93
CA GLY D 121 4.71 15.82 -9.87
C GLY D 121 3.51 16.73 -10.03
N LEU D 122 2.48 16.53 -9.22
CA LEU D 122 1.23 17.25 -9.33
C LEU D 122 1.36 18.73 -8.98
N ASP D 123 2.47 19.16 -8.45
CA ASP D 123 2.70 20.59 -8.33
C ASP D 123 3.06 21.22 -9.66
N ASN D 124 3.10 20.45 -10.74
CA ASN D 124 3.39 20.90 -12.10
C ASN D 124 4.77 21.52 -12.24
N ILE D 125 5.68 21.23 -11.31
CA ILE D 125 6.96 21.92 -11.24
C ILE D 125 8.06 20.88 -11.24
N CYS D 126 9.06 21.07 -12.09
CA CYS D 126 10.29 20.29 -12.05
C CYS D 126 11.24 21.05 -11.15
N SER D 127 11.57 20.47 -10.01
CA SER D 127 12.50 21.06 -9.07
C SER D 127 13.85 20.40 -9.24
N ILE D 128 14.90 21.21 -9.39
CA ILE D 128 16.26 20.74 -9.56
C ILE D 128 17.05 21.05 -8.29
N TYR D 129 17.60 20.00 -7.67
CA TYR D 129 18.35 20.05 -6.44
C TYR D 129 19.82 19.83 -6.71
N ASN D 130 20.66 20.66 -6.11
CA ASN D 130 22.12 20.57 -6.26
C ASN D 130 22.67 19.68 -5.16
N LEU D 131 23.17 18.50 -5.53
CA LEU D 131 23.68 17.60 -4.52
C LEU D 131 25.09 17.97 -4.10
N LYS D 132 26.02 17.99 -5.05
CA LYS D 132 27.42 18.18 -4.69
C LYS D 132 27.65 19.61 -4.26
N THR D 133 27.08 19.97 -3.11
CA THR D 133 27.38 21.19 -2.40
C THR D 133 27.84 20.92 -0.97
N ARG D 134 27.12 20.07 -0.24
CA ARG D 134 27.48 19.62 1.10
C ARG D 134 27.82 20.79 2.02
N GLU D 135 26.83 21.66 2.22
CA GLU D 135 26.91 22.69 3.24
C GLU D 135 26.13 22.32 4.50
N GLY D 136 25.53 21.13 4.52
CA GLY D 136 24.70 20.69 5.64
C GLY D 136 23.44 20.01 5.17
N ASN D 137 23.00 20.33 3.96
CA ASN D 137 21.80 19.75 3.37
C ASN D 137 21.85 19.99 1.87
N VAL D 138 20.73 19.71 1.19
CA VAL D 138 20.59 19.89 -0.24
C VAL D 138 19.50 20.92 -0.49
N ARG D 139 19.81 21.94 -1.28
CA ARG D 139 18.91 23.05 -1.50
C ARG D 139 18.33 22.99 -2.91
N VAL D 140 17.12 23.52 -3.06
CA VAL D 140 16.49 23.59 -4.37
C VAL D 140 17.29 24.59 -5.21
N SER D 141 18.04 24.08 -6.18
CA SER D 141 18.76 24.96 -7.08
C SER D 141 17.80 25.76 -7.93
N ARG D 142 16.82 25.10 -8.55
CA ARG D 142 15.91 25.90 -9.37
C ARG D 142 14.65 25.14 -9.74
N GLU D 143 13.53 25.83 -9.68
CA GLU D 143 12.23 25.33 -10.09
C GLU D 143 11.91 25.79 -11.50
N LEU D 144 11.19 24.97 -12.25
CA LEU D 144 10.92 25.24 -13.66
C LEU D 144 9.43 25.20 -13.93
N ALA D 145 8.82 26.35 -14.11
CA ALA D 145 7.37 26.48 -14.24
C ALA D 145 6.98 26.76 -15.68
N GLY D 146 5.76 26.37 -16.02
CA GLY D 146 5.28 26.59 -17.36
C GLY D 146 4.37 25.49 -17.86
N HIS D 147 4.23 24.43 -17.09
CA HIS D 147 3.39 23.33 -17.49
C HIS D 147 1.99 23.48 -16.90
N THR D 148 1.01 22.96 -17.63
CA THR D 148 -0.38 23.06 -17.25
C THR D 148 -0.91 21.80 -16.57
N GLY D 149 -0.56 20.62 -17.08
CA GLY D 149 -0.93 19.37 -16.42
C GLY D 149 0.09 18.91 -15.41
N TYR D 150 -0.11 17.68 -14.94
CA TYR D 150 0.78 17.09 -13.97
C TYR D 150 2.04 16.56 -14.65
N LEU D 151 3.08 16.35 -13.86
CA LEU D 151 4.42 16.12 -14.37
C LEU D 151 4.75 14.64 -14.22
N SER D 152 4.79 13.92 -15.33
CA SER D 152 4.93 12.48 -15.32
C SER D 152 6.38 12.00 -15.28
N CYS D 153 7.26 12.61 -16.07
CA CYS D 153 8.63 12.14 -16.12
C CYS D 153 9.54 13.22 -16.67
N CYS D 154 10.70 13.37 -16.02
CA CYS D 154 11.72 14.32 -16.44
C CYS D 154 13.05 13.62 -16.51
N ARG D 155 13.83 13.93 -17.55
CA ARG D 155 15.14 13.33 -17.75
C ARG D 155 16.13 14.39 -18.19
N PHE D 156 17.34 14.34 -17.61
CA PHE D 156 18.38 15.31 -17.91
C PHE D 156 19.07 14.96 -19.21
N LEU D 157 19.45 15.98 -19.99
CA LEU D 157 20.37 15.71 -21.08
C LEU D 157 21.80 16.02 -20.67
N ASP D 158 21.97 17.19 -20.06
CA ASP D 158 23.19 17.61 -19.41
C ASP D 158 22.78 18.40 -18.17
N ASP D 159 23.73 19.10 -17.57
CA ASP D 159 23.41 19.82 -16.36
C ASP D 159 22.62 21.07 -16.61
N ASN D 160 22.41 21.46 -17.86
CA ASN D 160 21.75 22.75 -18.11
C ASN D 160 20.63 22.56 -19.13
N GLN D 161 20.18 21.33 -19.34
CA GLN D 161 19.00 21.06 -20.16
C GLN D 161 18.27 19.84 -19.63
N ILE D 162 16.96 19.94 -19.51
CA ILE D 162 16.10 18.89 -18.97
C ILE D 162 14.84 18.80 -19.81
N VAL D 163 14.40 17.58 -20.09
CA VAL D 163 13.20 17.35 -20.89
C VAL D 163 12.12 16.84 -19.99
N THR D 164 10.92 17.38 -20.13
CA THR D 164 9.87 17.21 -19.15
C THR D 164 8.57 16.86 -19.84
N SER D 165 7.90 15.82 -19.39
CA SER D 165 6.61 15.42 -19.94
C SER D 165 5.50 15.79 -18.97
N SER D 166 4.43 16.37 -19.48
CA SER D 166 3.34 16.76 -18.60
C SER D 166 2.04 16.14 -19.05
N GLY D 167 1.06 16.24 -18.16
CA GLY D 167 -0.28 15.81 -18.42
C GLY D 167 -1.13 16.80 -19.19
N ASP D 168 -0.51 17.81 -19.79
CA ASP D 168 -1.19 18.76 -20.66
C ASP D 168 -0.96 18.46 -22.12
N THR D 169 -0.77 17.20 -22.46
CA THR D 169 -0.52 16.73 -23.82
C THR D 169 0.76 17.28 -24.42
N THR D 170 1.71 17.71 -23.60
CA THR D 170 2.92 18.34 -24.12
C THR D 170 4.16 17.83 -23.40
N CYS D 171 5.29 17.99 -24.07
CA CYS D 171 6.60 17.87 -23.44
C CYS D 171 7.36 19.16 -23.72
N ALA D 172 8.42 19.42 -22.98
CA ALA D 172 9.11 20.68 -23.09
C ALA D 172 10.57 20.52 -22.75
N LEU D 173 11.41 21.27 -23.45
CA LEU D 173 12.85 21.27 -23.21
C LEU D 173 13.23 22.57 -22.53
N TRP D 174 13.90 22.48 -21.39
CA TRP D 174 14.18 23.63 -20.59
C TRP D 174 15.66 23.96 -20.65
N ASP D 175 16.00 25.11 -20.10
CA ASP D 175 17.37 25.54 -19.93
C ASP D 175 17.47 26.01 -18.49
N ILE D 176 18.20 25.26 -17.68
CA ILE D 176 18.10 25.41 -16.24
C ILE D 176 18.56 26.78 -15.80
N GLU D 177 19.72 27.24 -16.27
CA GLU D 177 20.21 28.54 -15.81
C GLU D 177 19.25 29.65 -16.15
N THR D 178 18.67 29.62 -17.35
CA THR D 178 17.74 30.68 -17.73
C THR D 178 16.37 30.47 -17.13
N GLY D 179 15.83 29.25 -17.25
CA GLY D 179 14.52 28.95 -16.70
C GLY D 179 13.38 29.15 -17.65
N GLN D 180 13.61 29.10 -18.96
CA GLN D 180 12.58 29.30 -19.96
C GLN D 180 12.53 28.11 -20.89
N GLN D 181 11.34 27.69 -21.27
CA GLN D 181 11.22 26.57 -22.18
C GLN D 181 11.81 26.97 -23.52
N THR D 182 12.98 26.44 -23.85
CA THR D 182 13.57 26.73 -25.13
C THR D 182 12.67 26.24 -26.26
N THR D 183 12.04 25.08 -26.09
CA THR D 183 11.17 24.56 -27.12
C THR D 183 10.09 23.69 -26.52
N THR D 184 8.95 23.63 -27.20
CA THR D 184 7.76 22.93 -26.70
C THR D 184 7.28 21.94 -27.74
N PHE D 185 7.07 20.70 -27.29
CA PHE D 185 6.78 19.56 -28.14
C PHE D 185 5.31 19.23 -27.98
N THR D 186 4.52 19.66 -28.95
CA THR D 186 3.07 19.56 -28.95
C THR D 186 2.60 18.68 -30.10
N GLY D 187 1.46 18.06 -29.90
CA GLY D 187 0.96 17.12 -30.87
C GLY D 187 0.21 15.97 -30.25
N HIS D 188 0.21 15.89 -28.94
CA HIS D 188 -0.52 14.83 -28.27
C HIS D 188 -1.95 15.26 -28.01
N THR D 189 -2.86 14.30 -28.08
CA THR D 189 -4.25 14.57 -27.73
C THR D 189 -4.55 14.23 -26.29
N GLY D 190 -4.10 13.06 -25.82
CA GLY D 190 -4.14 12.73 -24.41
C GLY D 190 -2.89 13.20 -23.71
N ASP D 191 -2.85 12.94 -22.41
CA ASP D 191 -1.72 13.40 -21.60
C ASP D 191 -0.57 12.40 -21.58
N VAL D 192 0.64 12.93 -21.54
CA VAL D 192 1.87 12.15 -21.74
C VAL D 192 2.28 11.53 -20.43
N MET D 193 2.56 10.22 -20.45
CA MET D 193 2.85 9.50 -19.24
C MET D 193 4.31 9.13 -19.05
N SER D 194 5.07 8.87 -20.12
CA SER D 194 6.46 8.51 -19.88
C SER D 194 7.33 8.93 -21.04
N LEU D 195 8.52 9.44 -20.73
CA LEU D 195 9.50 9.76 -21.75
C LEU D 195 10.83 9.10 -21.42
N SER D 196 11.49 8.63 -22.48
CA SER D 196 12.80 8.03 -22.37
C SER D 196 13.74 8.71 -23.35
N LEU D 197 14.88 9.12 -22.86
CA LEU D 197 15.88 9.80 -23.66
C LEU D 197 16.74 8.79 -24.36
N ALA D 198 17.51 9.26 -25.28
CA ALA D 198 18.19 8.31 -26.12
C ALA D 198 19.65 8.22 -25.77
N PRO D 199 20.27 7.08 -26.03
CA PRO D 199 21.73 6.99 -25.86
C PRO D 199 22.52 7.99 -26.68
N ASP D 200 22.04 8.40 -27.84
CA ASP D 200 22.74 9.47 -28.54
C ASP D 200 22.35 10.86 -28.03
N THR D 201 21.28 10.96 -27.25
CA THR D 201 20.81 12.18 -26.60
C THR D 201 20.35 13.22 -27.61
N ARG D 202 20.09 12.82 -28.85
CA ARG D 202 19.62 13.75 -29.86
C ARG D 202 18.10 13.78 -29.97
N LEU D 203 17.44 12.68 -29.64
CA LEU D 203 15.99 12.53 -29.72
C LEU D 203 15.47 12.07 -28.37
N PHE D 204 14.16 11.84 -28.30
CA PHE D 204 13.57 11.08 -27.21
C PHE D 204 12.16 10.67 -27.59
N VAL D 205 11.68 9.61 -26.94
CA VAL D 205 10.33 9.12 -27.16
C VAL D 205 9.46 9.42 -25.95
N SER D 206 8.20 9.72 -26.23
CA SER D 206 7.21 10.04 -25.21
C SER D 206 5.92 9.31 -25.56
N GLY D 207 5.34 8.66 -24.56
CA GLY D 207 4.14 7.88 -24.73
C GLY D 207 3.05 8.39 -23.81
N ALA D 208 1.82 8.43 -24.33
CA ALA D 208 0.73 9.18 -23.71
C ALA D 208 -0.48 8.30 -23.48
N CYS D 209 -1.50 8.90 -22.83
CA CYS D 209 -2.71 8.17 -22.48
C CYS D 209 -3.60 7.87 -23.67
N ASP D 210 -3.67 8.74 -24.67
CA ASP D 210 -4.11 8.24 -25.95
C ASP D 210 -3.06 7.26 -26.46
N ALA D 211 -3.51 6.17 -27.08
CA ALA D 211 -2.63 5.04 -27.30
C ALA D 211 -1.63 5.40 -28.40
N SER D 212 -0.64 6.20 -28.01
CA SER D 212 0.24 6.83 -28.98
C SER D 212 1.61 7.06 -28.36
N ALA D 213 2.63 6.94 -29.21
CA ALA D 213 4.01 7.24 -28.86
C ALA D 213 4.61 8.07 -29.97
N LYS D 214 5.57 8.92 -29.61
CA LYS D 214 6.14 9.85 -30.57
C LYS D 214 7.61 10.08 -30.28
N LEU D 215 8.37 10.34 -31.35
CA LEU D 215 9.73 10.87 -31.23
C LEU D 215 9.71 12.37 -31.31
N TRP D 216 10.77 12.98 -30.78
CA TRP D 216 10.89 14.42 -30.85
C TRP D 216 12.34 14.77 -31.09
N ASP D 217 12.61 15.50 -32.17
CA ASP D 217 13.93 16.06 -32.39
C ASP D 217 14.06 17.27 -31.49
N VAL D 218 14.84 17.15 -30.41
CA VAL D 218 14.92 18.18 -29.40
C VAL D 218 15.52 19.46 -29.94
N ARG D 219 16.31 19.38 -31.01
CA ARG D 219 16.92 20.55 -31.61
C ARG D 219 16.05 21.23 -32.66
N GLU D 220 14.91 20.65 -33.00
CA GLU D 220 13.99 21.25 -33.94
C GLU D 220 12.58 21.43 -33.41
N GLY D 221 12.19 20.72 -32.36
CA GLY D 221 10.92 20.98 -31.71
C GLY D 221 9.71 20.46 -32.44
N MET D 222 9.88 19.54 -33.37
CA MET D 222 8.78 19.01 -34.15
C MET D 222 8.79 17.49 -34.10
N CYS D 223 7.61 16.90 -33.98
CA CYS D 223 7.48 15.46 -33.94
C CYS D 223 7.94 14.87 -35.26
N ARG D 224 8.51 13.67 -35.20
CA ARG D 224 8.93 12.99 -36.42
C ARG D 224 8.19 11.69 -36.70
N GLN D 225 7.69 10.99 -35.70
CA GLN D 225 6.92 9.78 -35.93
C GLN D 225 5.82 9.66 -34.90
N THR D 226 4.77 8.90 -35.23
CA THR D 226 3.67 8.65 -34.33
C THR D 226 3.16 7.23 -34.55
N PHE D 227 3.08 6.46 -33.47
CA PHE D 227 2.85 5.04 -33.55
C PHE D 227 1.55 4.68 -32.84
N THR D 228 0.85 3.68 -33.37
CA THR D 228 -0.39 3.25 -32.77
C THR D 228 -0.35 1.75 -32.61
N GLY D 229 -1.34 1.23 -31.90
CA GLY D 229 -1.43 -0.20 -31.71
C GLY D 229 -1.95 -0.54 -30.33
N HIS D 230 -1.84 0.39 -29.40
CA HIS D 230 -2.40 0.11 -28.10
C HIS D 230 -3.88 0.46 -28.07
N GLU D 231 -4.56 0.02 -27.01
CA GLU D 231 -5.99 0.25 -26.85
C GLU D 231 -6.34 1.12 -25.67
N SER D 232 -5.37 1.69 -24.96
CA SER D 232 -5.71 2.52 -23.81
C SER D 232 -4.53 3.40 -23.48
N ASP D 233 -4.48 3.87 -22.24
CA ASP D 233 -3.36 4.67 -21.78
C ASP D 233 -2.04 3.91 -21.86
N ILE D 234 -1.01 4.58 -22.36
CA ILE D 234 0.35 4.08 -22.34
C ILE D 234 1.01 4.56 -21.06
N ASN D 235 1.65 3.65 -20.33
CA ASN D 235 2.16 3.95 -19.00
C ASN D 235 3.66 4.18 -18.95
N ALA D 236 4.45 3.31 -19.55
CA ALA D 236 5.90 3.44 -19.50
C ALA D 236 6.47 3.26 -20.88
N ILE D 237 7.71 3.75 -21.06
CA ILE D 237 8.39 3.70 -22.35
C ILE D 237 9.87 3.66 -22.04
N CYS D 238 10.66 3.10 -22.95
CA CYS D 238 12.10 3.18 -22.77
C CYS D 238 12.82 2.81 -24.04
N PHE D 239 13.92 3.51 -24.33
CA PHE D 239 14.85 3.04 -25.33
C PHE D 239 15.60 1.80 -24.91
N PHE D 240 15.55 0.84 -25.80
CA PHE D 240 16.43 -0.27 -26.07
C PHE D 240 17.84 0.29 -25.98
N PRO D 241 18.84 -0.50 -25.64
CA PRO D 241 20.19 0.06 -25.43
C PRO D 241 20.71 0.96 -26.53
N ASN D 242 20.13 0.91 -27.72
CA ASN D 242 20.42 1.89 -28.74
C ASN D 242 19.17 2.71 -29.03
N GLY D 243 19.37 3.90 -29.56
CA GLY D 243 18.24 4.71 -29.95
C GLY D 243 17.68 4.29 -31.29
N ASN D 244 17.36 3.01 -31.44
CA ASN D 244 16.71 2.51 -32.63
C ASN D 244 15.50 1.64 -32.32
N ALA D 245 15.00 1.70 -31.10
CA ALA D 245 13.80 0.98 -30.69
C ALA D 245 13.33 1.55 -29.37
N PHE D 246 12.08 1.29 -29.04
CA PHE D 246 11.61 1.62 -27.71
C PHE D 246 10.45 0.71 -27.35
N ALA D 247 10.50 0.16 -26.16
CA ALA D 247 9.44 -0.67 -25.62
C ALA D 247 8.45 0.22 -24.91
N THR D 248 7.18 0.05 -25.24
CA THR D 248 6.09 0.84 -24.71
C THR D 248 5.10 -0.10 -24.04
N GLY D 249 4.79 0.18 -22.78
CA GLY D 249 3.91 -0.65 -21.98
C GLY D 249 2.71 0.16 -21.52
N SER D 250 1.52 -0.37 -21.79
CA SER D 250 0.27 0.37 -21.70
C SER D 250 -0.69 -0.30 -20.71
N ASP D 251 -1.86 0.31 -20.55
CA ASP D 251 -2.83 -0.06 -19.54
C ASP D 251 -3.83 -1.11 -20.01
N ASP D 252 -3.72 -1.59 -21.24
CA ASP D 252 -4.49 -2.72 -21.72
C ASP D 252 -3.83 -4.04 -21.38
N ALA D 253 -2.92 -4.04 -20.40
CA ALA D 253 -2.22 -5.24 -19.94
C ALA D 253 -1.32 -5.83 -21.01
N THR D 254 -0.87 -5.03 -21.98
CA THR D 254 0.00 -5.53 -23.01
C THR D 254 1.18 -4.58 -23.21
N CYS D 255 2.30 -5.16 -23.66
CA CYS D 255 3.48 -4.41 -24.07
C CYS D 255 3.66 -4.52 -25.56
N ARG D 256 4.47 -3.61 -26.11
CA ARG D 256 4.82 -3.66 -27.52
C ARG D 256 6.18 -3.03 -27.69
N LEU D 257 6.79 -3.28 -28.84
CA LEU D 257 8.16 -2.85 -29.12
C LEU D 257 8.18 -2.12 -30.45
N PHE D 258 8.17 -0.81 -30.40
CA PHE D 258 8.11 -0.01 -31.61
C PHE D 258 9.51 0.31 -32.06
N ASP D 259 9.86 -0.12 -33.27
CA ASP D 259 11.08 0.36 -33.90
C ASP D 259 10.80 1.70 -34.57
N LEU D 260 11.89 2.34 -35.03
CA LEU D 260 11.85 3.74 -35.42
C LEU D 260 11.79 3.93 -36.92
N ARG D 261 12.67 3.25 -37.67
CA ARG D 261 12.59 3.29 -39.12
C ARG D 261 11.42 2.46 -39.64
N ALA D 262 11.14 1.32 -39.00
CA ALA D 262 9.97 0.54 -39.39
C ALA D 262 8.68 1.31 -39.15
N ASP D 263 8.66 2.18 -38.15
CA ASP D 263 7.47 2.96 -37.81
C ASP D 263 6.28 2.04 -37.57
N GLN D 264 6.52 0.88 -36.97
CA GLN D 264 5.50 -0.14 -36.84
C GLN D 264 5.82 -1.03 -35.65
N GLU D 265 4.75 -1.44 -34.96
CA GLU D 265 4.85 -2.42 -33.89
C GLU D 265 5.49 -3.72 -34.36
N LEU D 266 6.30 -4.34 -33.50
CA LEU D 266 6.85 -5.64 -33.83
C LEU D 266 6.35 -6.76 -32.93
N MET D 267 6.55 -6.68 -31.63
CA MET D 267 6.17 -7.74 -30.70
C MET D 267 5.10 -7.27 -29.74
N THR D 268 4.22 -8.19 -29.34
CA THR D 268 3.13 -7.92 -28.42
C THR D 268 3.28 -8.85 -27.23
N TYR D 269 3.78 -8.32 -26.12
CA TYR D 269 3.92 -9.11 -24.90
C TYR D 269 2.59 -9.17 -24.20
N SER D 270 1.86 -10.25 -24.41
CA SER D 270 0.57 -10.50 -23.79
C SER D 270 0.55 -11.91 -23.25
N HIS D 271 -0.32 -12.14 -22.29
CA HIS D 271 -0.51 -13.46 -21.71
C HIS D 271 -1.94 -13.52 -21.21
N ASP D 272 -2.64 -14.62 -21.49
CA ASP D 272 -4.07 -14.68 -21.20
C ASP D 272 -4.33 -14.49 -19.71
N ASN D 273 -3.50 -15.10 -18.87
CA ASN D 273 -3.64 -14.91 -17.42
C ASN D 273 -3.45 -13.45 -17.04
N ILE D 274 -2.59 -12.74 -17.76
CA ILE D 274 -2.30 -11.34 -17.46
C ILE D 274 -3.53 -10.50 -17.79
N ILE D 275 -4.09 -9.85 -16.78
CA ILE D 275 -5.17 -8.91 -16.99
C ILE D 275 -4.79 -7.57 -16.38
N CYS D 276 -3.91 -7.60 -15.38
CA CYS D 276 -3.48 -6.37 -14.74
C CYS D 276 -2.60 -5.56 -15.68
N GLY D 277 -2.63 -4.25 -15.48
CA GLY D 277 -1.93 -3.33 -16.35
C GLY D 277 -0.43 -3.31 -16.09
N ILE D 278 0.22 -2.32 -16.68
CA ILE D 278 1.66 -2.17 -16.68
C ILE D 278 1.98 -0.77 -16.19
N THR D 279 3.05 -0.62 -15.43
CA THR D 279 3.43 0.66 -14.87
C THR D 279 4.82 1.14 -15.29
N SER D 280 5.84 0.29 -15.19
CA SER D 280 7.18 0.69 -15.52
C SER D 280 7.76 -0.30 -16.51
N VAL D 281 8.69 0.18 -17.34
CA VAL D 281 9.54 -0.72 -18.10
C VAL D 281 10.99 -0.29 -17.90
N SER D 282 11.89 -1.23 -18.14
CA SER D 282 13.32 -0.95 -18.04
C SER D 282 14.05 -2.06 -18.75
N PHE D 283 14.79 -1.73 -19.80
CA PHE D 283 15.58 -2.75 -20.45
C PHE D 283 16.82 -3.10 -19.65
N SER D 284 17.39 -4.24 -19.98
CA SER D 284 18.70 -4.59 -19.50
C SER D 284 19.74 -3.99 -20.44
N LYS D 285 21.01 -4.28 -20.17
CA LYS D 285 22.08 -3.73 -20.96
C LYS D 285 22.13 -4.34 -22.35
N SER D 286 21.77 -5.61 -22.47
CA SER D 286 21.99 -6.34 -23.70
C SER D 286 20.84 -6.20 -24.69
N GLY D 287 19.79 -5.50 -24.32
CA GLY D 287 18.62 -5.50 -25.16
C GLY D 287 17.98 -6.86 -25.28
N ARG D 288 18.21 -7.73 -24.31
CA ARG D 288 17.72 -9.10 -24.32
C ARG D 288 16.81 -9.38 -23.14
N LEU D 289 16.53 -8.38 -22.32
CA LEU D 289 15.81 -8.64 -21.08
C LEU D 289 14.95 -7.44 -20.77
N LEU D 290 13.63 -7.59 -20.90
CA LEU D 290 12.68 -6.49 -20.81
C LEU D 290 11.89 -6.59 -19.52
N LEU D 291 12.15 -5.69 -18.59
CA LEU D 291 11.62 -5.80 -17.24
C LEU D 291 10.46 -4.85 -17.10
N ALA D 292 9.33 -5.35 -16.64
CA ALA D 292 8.09 -4.59 -16.67
C ALA D 292 7.34 -4.78 -15.36
N GLY D 293 6.96 -3.67 -14.73
CA GLY D 293 6.19 -3.74 -13.51
C GLY D 293 4.71 -3.82 -13.86
N TYR D 294 4.01 -4.70 -13.17
CA TYR D 294 2.57 -4.84 -13.40
C TYR D 294 1.82 -4.50 -12.12
N ASP D 295 0.54 -4.18 -12.29
CA ASP D 295 -0.33 -3.84 -11.18
C ASP D 295 -0.67 -5.04 -10.30
N ASP D 296 -0.41 -6.26 -10.76
CA ASP D 296 -0.78 -7.46 -10.02
C ASP D 296 0.17 -7.77 -8.90
N PHE D 297 0.93 -6.78 -8.44
CA PHE D 297 1.80 -6.81 -7.28
C PHE D 297 3.13 -7.49 -7.55
N ASN D 298 3.46 -7.82 -8.80
CA ASN D 298 4.78 -8.38 -9.07
C ASN D 298 5.30 -7.90 -10.42
N CYS D 299 6.62 -7.90 -10.56
CA CYS D 299 7.24 -7.55 -11.82
C CYS D 299 7.46 -8.78 -12.68
N ASN D 300 7.70 -8.56 -13.96
CA ASN D 300 7.94 -9.66 -14.86
C ASN D 300 9.12 -9.35 -15.76
N VAL D 301 9.72 -10.40 -16.29
CA VAL D 301 10.94 -10.35 -17.06
C VAL D 301 10.69 -11.06 -18.36
N TRP D 302 10.62 -10.30 -19.44
CA TRP D 302 10.27 -10.79 -20.75
C TRP D 302 11.52 -10.86 -21.60
N ASP D 303 11.43 -11.59 -22.69
CA ASP D 303 12.47 -11.61 -23.70
C ASP D 303 12.02 -10.74 -24.87
N ALA D 304 12.83 -9.76 -25.20
CA ALA D 304 12.45 -8.83 -26.25
C ALA D 304 12.29 -9.56 -27.56
N LEU D 305 13.21 -10.45 -27.88
CA LEU D 305 13.20 -11.09 -29.19
C LEU D 305 12.24 -12.28 -29.27
N LYS D 306 11.81 -12.81 -28.13
CA LYS D 306 11.03 -14.04 -28.08
C LYS D 306 9.56 -13.81 -27.78
N ALA D 307 9.25 -12.76 -27.03
CA ALA D 307 7.89 -12.48 -26.57
C ALA D 307 7.33 -13.61 -25.71
N ASP D 308 8.22 -14.40 -25.10
CA ASP D 308 7.83 -15.44 -24.16
C ASP D 308 8.38 -15.11 -22.80
N ARG D 309 7.52 -15.21 -21.79
CA ARG D 309 7.92 -14.96 -20.41
C ARG D 309 9.24 -15.65 -20.10
N ALA D 310 9.99 -15.09 -19.19
CA ALA D 310 11.27 -15.66 -18.85
C ALA D 310 11.49 -15.58 -17.36
N GLY D 311 10.78 -14.67 -16.71
CA GLY D 311 10.96 -14.59 -15.27
C GLY D 311 9.86 -13.79 -14.62
N VAL D 312 9.75 -13.99 -13.32
CA VAL D 312 8.86 -13.23 -12.46
C VAL D 312 9.71 -12.70 -11.33
N LEU D 313 9.24 -11.62 -10.71
CA LEU D 313 9.83 -11.09 -9.49
C LEU D 313 8.66 -10.76 -8.59
N ALA D 314 8.26 -11.72 -7.79
CA ALA D 314 7.37 -11.48 -6.67
C ALA D 314 8.21 -11.20 -5.44
N GLY D 315 7.62 -10.51 -4.49
CA GLY D 315 8.41 -10.04 -3.37
C GLY D 315 7.86 -8.75 -2.83
N HIS D 316 6.88 -8.19 -3.52
CA HIS D 316 6.29 -6.93 -3.16
C HIS D 316 4.87 -7.15 -2.67
N ASP D 317 4.52 -6.47 -1.59
CA ASP D 317 3.19 -6.59 -1.02
C ASP D 317 2.18 -5.68 -1.70
N ASN D 318 2.59 -4.89 -2.68
CA ASN D 318 1.70 -3.96 -3.34
C ASN D 318 2.19 -3.76 -4.76
N ARG D 319 1.67 -2.72 -5.42
CA ARG D 319 1.95 -2.49 -6.82
C ARG D 319 3.41 -2.08 -7.03
N VAL D 320 4.02 -2.64 -8.07
CA VAL D 320 5.38 -2.28 -8.45
C VAL D 320 5.31 -1.06 -9.34
N SER D 321 5.69 0.10 -8.78
CA SER D 321 5.58 1.38 -9.47
C SER D 321 6.88 1.86 -10.09
N CYS D 322 8.00 1.18 -9.83
CA CYS D 322 9.31 1.68 -10.16
C CYS D 322 10.12 0.56 -10.76
N LEU D 323 11.10 0.93 -11.57
CA LEU D 323 11.99 -0.07 -12.14
C LEU D 323 13.17 0.62 -12.80
N GLY D 324 14.39 0.16 -12.51
CA GLY D 324 15.57 0.74 -13.14
C GLY D 324 16.78 -0.15 -13.13
N VAL D 325 17.45 -0.29 -14.27
CA VAL D 325 18.60 -1.15 -14.42
C VAL D 325 19.85 -0.28 -14.46
N THR D 326 20.93 -0.80 -13.89
CA THR D 326 22.18 -0.06 -13.76
C THR D 326 22.79 0.21 -15.12
N ASP D 327 23.70 1.18 -15.14
CA ASP D 327 24.47 1.41 -16.35
C ASP D 327 25.55 0.36 -16.53
N ASP D 328 25.86 -0.40 -15.49
CA ASP D 328 26.84 -1.46 -15.59
C ASP D 328 26.19 -2.80 -15.91
N GLY D 329 24.95 -2.97 -15.51
CA GLY D 329 24.27 -4.24 -15.62
C GLY D 329 24.24 -5.03 -14.35
N MET D 330 24.85 -4.52 -13.28
CA MET D 330 24.99 -5.28 -12.06
C MET D 330 23.63 -5.57 -11.44
N ALA D 331 22.82 -4.55 -11.23
CA ALA D 331 21.66 -4.69 -10.36
C ALA D 331 20.42 -4.11 -11.00
N VAL D 332 19.28 -4.45 -10.41
CA VAL D 332 17.97 -3.99 -10.86
C VAL D 332 17.16 -3.61 -9.64
N ALA D 333 16.68 -2.39 -9.56
CA ALA D 333 15.95 -1.96 -8.39
C ALA D 333 14.48 -1.85 -8.73
N THR D 334 13.64 -2.40 -7.86
CA THR D 334 12.19 -2.28 -7.98
C THR D 334 11.66 -1.56 -6.77
N GLY D 335 10.92 -0.50 -6.99
CA GLY D 335 10.17 0.12 -5.93
C GLY D 335 8.71 -0.22 -6.01
N SER D 336 8.01 -0.06 -4.90
CA SER D 336 6.63 -0.48 -4.84
C SER D 336 5.90 0.29 -3.76
N TRP D 337 4.59 0.10 -3.73
CA TRP D 337 3.73 0.92 -2.90
C TRP D 337 3.82 0.52 -1.43
N ASP D 338 4.59 -0.52 -1.10
CA ASP D 338 4.79 -0.95 0.27
C ASP D 338 6.01 -0.32 0.92
N SER D 339 6.58 0.70 0.30
CA SER D 339 7.61 1.55 0.88
C SER D 339 8.96 0.87 0.99
N PHE D 340 9.28 -0.07 0.11
CA PHE D 340 10.59 -0.70 0.10
C PHE D 340 11.15 -0.70 -1.30
N LEU D 341 12.47 -0.56 -1.41
CA LEU D 341 13.15 -0.81 -2.68
C LEU D 341 13.87 -2.14 -2.56
N LYS D 342 13.92 -2.87 -3.65
CA LYS D 342 14.63 -4.14 -3.68
C LYS D 342 15.67 -4.10 -4.77
N ILE D 343 16.90 -4.47 -4.43
CA ILE D 343 17.97 -4.58 -5.40
C ILE D 343 18.13 -6.05 -5.75
N TRP D 344 17.78 -6.40 -6.97
CA TRP D 344 17.82 -7.75 -7.46
C TRP D 344 19.05 -7.94 -8.34
N ASN D 345 19.83 -8.96 -8.03
CA ASN D 345 20.87 -9.43 -8.90
C ASN D 345 20.75 -10.94 -9.03
N GLY D 346 21.07 -11.45 -10.20
CA GLY D 346 20.98 -12.88 -10.42
C GLY D 346 22.00 -13.65 -9.60
N SER D 347 21.70 -14.93 -9.38
CA SER D 347 22.52 -15.80 -8.57
C SER D 347 23.54 -16.52 -9.45
N SER D 348 24.77 -16.61 -8.97
CA SER D 348 25.84 -17.28 -9.70
C SER D 348 25.62 -18.79 -9.72
N ALA E 10 -8.63 24.68 -36.66
CA ALA E 10 -7.19 24.88 -36.59
C ALA E 10 -6.48 23.61 -36.13
N GLN E 11 -7.02 22.98 -35.09
CA GLN E 11 -6.42 21.75 -34.57
C GLN E 11 -6.50 20.63 -35.59
N ALA E 12 -7.59 20.56 -36.35
CA ALA E 12 -7.69 19.55 -37.40
C ALA E 12 -6.64 19.77 -38.49
N ARG E 13 -6.43 21.03 -38.88
CA ARG E 13 -5.36 21.33 -39.83
C ARG E 13 -3.99 20.98 -39.25
N LYS E 14 -3.82 21.22 -37.94
CA LYS E 14 -2.57 20.84 -37.29
C LYS E 14 -2.34 19.35 -37.37
N LEU E 15 -3.38 18.56 -37.09
CA LEU E 15 -3.23 17.11 -37.20
C LEU E 15 -2.96 16.69 -38.63
N VAL E 16 -3.63 17.33 -39.60
CA VAL E 16 -3.42 16.98 -41.00
C VAL E 16 -1.98 17.22 -41.41
N GLU E 17 -1.41 18.37 -41.02
CA GLU E 17 -0.05 18.68 -41.42
C GLU E 17 0.95 17.80 -40.67
N GLN E 18 0.73 17.56 -39.38
CA GLN E 18 1.66 16.72 -38.65
C GLN E 18 1.56 15.27 -39.07
N LEU E 19 0.49 14.88 -39.74
CA LEU E 19 0.39 13.54 -40.29
C LEU E 19 0.93 13.47 -41.71
N LYS E 20 0.86 14.56 -42.46
CA LYS E 20 1.45 14.57 -43.79
C LYS E 20 2.98 14.66 -43.71
N MET E 21 3.51 15.27 -42.66
CA MET E 21 4.94 15.17 -42.46
C MET E 21 5.36 13.76 -42.07
N GLU E 22 4.42 12.91 -41.68
CA GLU E 22 4.72 11.51 -41.45
C GLU E 22 4.85 10.74 -42.76
N ALA E 23 4.18 11.21 -43.81
CA ALA E 23 4.14 10.45 -45.06
C ALA E 23 5.52 10.34 -45.69
N ASN E 24 6.29 11.43 -45.69
CA ASN E 24 7.54 11.45 -46.43
C ASN E 24 8.63 10.61 -45.78
N ILE E 25 8.42 10.12 -44.57
CA ILE E 25 9.45 9.36 -43.87
C ILE E 25 9.73 8.07 -44.64
N ASP E 26 11.01 7.77 -44.83
CA ASP E 26 11.42 6.62 -45.61
C ASP E 26 11.64 5.43 -44.70
N ARG E 27 10.73 4.47 -44.74
CA ARG E 27 10.82 3.29 -43.89
C ARG E 27 11.92 2.36 -44.36
N ILE E 28 12.03 1.22 -43.68
CA ILE E 28 12.94 0.14 -44.02
C ILE E 28 12.28 -1.16 -43.59
N LYS E 29 12.42 -2.20 -44.42
CA LYS E 29 11.71 -3.45 -44.17
C LYS E 29 12.17 -4.11 -42.87
N VAL E 30 11.22 -4.73 -42.17
CA VAL E 30 11.46 -5.35 -40.88
C VAL E 30 12.48 -6.48 -40.96
N SER E 31 12.79 -6.95 -42.16
CA SER E 31 13.86 -7.94 -42.28
C SER E 31 15.17 -7.38 -41.78
N LYS E 32 15.47 -6.14 -42.14
CA LYS E 32 16.65 -5.46 -41.64
C LYS E 32 16.32 -4.33 -40.68
N ALA E 33 15.04 -4.02 -40.48
CA ALA E 33 14.62 -3.21 -39.34
C ALA E 33 14.51 -4.02 -38.06
N ALA E 34 14.66 -5.34 -38.15
CA ALA E 34 14.89 -6.21 -37.00
C ALA E 34 16.33 -6.72 -36.97
N ALA E 35 17.23 -6.06 -37.68
CA ALA E 35 18.65 -6.25 -37.46
C ALA E 35 19.17 -5.38 -36.34
N ASP E 36 18.39 -4.37 -35.93
CA ASP E 36 18.79 -3.58 -34.76
C ASP E 36 18.63 -4.39 -33.50
N LEU E 37 17.48 -5.03 -33.33
CA LEU E 37 17.36 -6.06 -32.32
C LEU E 37 17.95 -7.36 -32.86
N MET E 38 18.24 -8.29 -31.94
CA MET E 38 18.58 -9.66 -32.31
C MET E 38 19.95 -9.72 -32.97
N ALA E 39 20.49 -8.57 -33.33
CA ALA E 39 21.88 -8.44 -33.73
C ALA E 39 22.61 -7.46 -32.86
N TYR E 40 21.92 -6.85 -31.90
CA TYR E 40 22.58 -6.05 -30.88
C TYR E 40 22.96 -6.90 -29.67
N CYS E 41 22.10 -7.86 -29.29
CA CYS E 41 22.39 -8.70 -28.14
C CYS E 41 23.65 -9.53 -28.37
N GLU E 42 23.78 -10.09 -29.56
CA GLU E 42 24.94 -10.91 -29.86
C GLU E 42 26.23 -10.13 -29.72
N ALA E 43 26.17 -8.81 -29.83
CA ALA E 43 27.33 -7.99 -29.54
C ALA E 43 27.50 -7.71 -28.05
N HIS E 44 26.48 -7.96 -27.23
CA HIS E 44 26.55 -7.66 -25.81
C HIS E 44 26.11 -8.85 -24.96
N ALA E 45 26.28 -10.06 -25.47
CA ALA E 45 25.74 -11.22 -24.77
C ALA E 45 26.57 -11.61 -23.56
N LYS E 46 27.88 -11.42 -23.61
CA LYS E 46 28.75 -11.85 -22.53
C LYS E 46 28.97 -10.78 -21.48
N GLU E 47 28.49 -9.56 -21.67
CA GLU E 47 28.71 -8.46 -20.74
C GLU E 47 27.47 -8.10 -19.95
N ASP E 48 26.40 -8.89 -20.07
CA ASP E 48 25.14 -8.60 -19.39
C ASP E 48 25.00 -9.52 -18.20
N PRO E 49 25.18 -9.04 -16.97
CA PRO E 49 25.15 -9.94 -15.82
C PRO E 49 23.85 -10.68 -15.61
N LEU E 50 22.71 -10.05 -15.86
CA LEU E 50 21.44 -10.71 -15.58
C LEU E 50 21.19 -11.84 -16.57
N LEU E 51 21.39 -11.58 -17.86
CA LEU E 51 21.15 -12.60 -18.87
C LEU E 51 22.11 -13.78 -18.70
N THR E 52 23.38 -13.50 -18.44
CA THR E 52 24.38 -14.54 -18.18
C THR E 52 25.02 -14.28 -16.84
N PRO E 53 24.71 -15.06 -15.81
CA PRO E 53 25.13 -14.71 -14.44
C PRO E 53 26.64 -14.65 -14.29
N VAL E 54 27.08 -13.82 -13.34
CA VAL E 54 28.50 -13.54 -13.10
C VAL E 54 28.97 -14.31 -11.87
N PRO E 55 30.22 -14.72 -11.79
CA PRO E 55 30.74 -15.29 -10.55
C PRO E 55 30.66 -14.30 -9.41
N ALA E 56 30.37 -14.82 -8.21
CA ALA E 56 30.00 -13.97 -7.08
C ALA E 56 31.15 -13.13 -6.56
N SER E 57 32.39 -13.40 -6.96
CA SER E 57 33.50 -12.58 -6.49
C SER E 57 33.41 -11.16 -7.02
N GLU E 58 33.10 -11.02 -8.31
CA GLU E 58 33.01 -9.71 -8.96
C GLU E 58 31.56 -9.25 -9.05
N ASN E 59 30.96 -9.03 -7.89
CA ASN E 59 29.54 -8.68 -7.81
C ASN E 59 29.33 -7.92 -6.52
N PRO E 60 29.26 -6.58 -6.59
CA PRO E 60 29.09 -5.80 -5.36
C PRO E 60 27.75 -6.02 -4.68
N PHE E 61 26.88 -6.84 -5.27
CA PHE E 61 25.59 -7.20 -4.68
C PHE E 61 25.65 -8.69 -4.35
N ARG E 62 26.10 -8.99 -3.14
CA ARG E 62 26.27 -10.36 -2.68
C ARG E 62 25.18 -10.76 -1.70
CA CA F . 5.39 -29.67 39.42
#